data_7D4F
#
_entry.id   7D4F
#
loop_
_entity.id
_entity.type
_entity.pdbx_description
1 polymer 'Non-structural protein 8'
2 polymer 'Non-structural protein 7'
3 polymer 'RNA-directed RNA polymerase'
4 non-polymer 'ZINC ION'
5 non-polymer '8-(3-(3-aminobenzamido)-4-methylbenzamido)naphthalene-1,3,5-trisulfonic acid'
#
loop_
_entity_poly.entity_id
_entity_poly.type
_entity_poly.pdbx_seq_one_letter_code
_entity_poly.pdbx_strand_id
1 'polypeptide(L)'
;MAIASEFSSLPSYAAFATAQEAYEQAVANGDSEVVLKKLKKSLNVAKSEFDRDAAMQRKLEKMADQAMTQMYKQARSEDK
RAKVTSAMQTMLFTMLRKLDNDALNNIINNARDGCVPLNIIPLTTAAKLMVVIPDYNTYKNTCDGTTFTYASALWEIQQV
VDADSKIVQLSEISMDNSPNLAWPLIVTALRANSAVKLQ
;
B,G
2 'polypeptide(L)'
;MSKMSDVKCTSVVLLSVLQQLRVESSSKLWAQCVQLHNDILLAKDTTEAFEKMVSLLSVLLSMQGAVDINKLCEEMLDNR
ATLQ
;
C
3 'polypeptide(L)'
;MSADAQSFLNRVCGVSAARLTPCGTGTSTDVVYRAFDIYNDKVAGFAKFLKTNCCRFQEKDEDDNLIDSYFVVKRHTFSN
YQHEETIYNLLKDCPAVAKHDFFKFRIDGDMVPHISRQRLTKYTMADLVYALRHFDEGNCDTLKEILVTYNCCDDDYFNK
KDWYDFVENPDILRVYANLGERVRQALLKTVQFCDAMRNAGIVGVLTLDNQDLNGNWYDFGDFIQTTPGSGVPVVDSYYS
LLMPILTLTRALTAESHVDTDLTKPYIKWDLLKYDFTEERLKLFDRYFKYWDQTYHPNCVNCLDDRCILHCANFNVLFST
VFPPTSFGPLVRKIFVDGVPFVVSTGYHFRELGVVHNQDVNLHSSRLSFKELLVYAADPAMHAASGNLLLDKRTTCFSVA
ALTNNVAFQTVKPGNFNKDFYDFAVSKGFFKEGSSVELKHFFFAQDGNAAISDYDYYRYNLPTMCDIRQLLFVVEVVDKY
FDCYDGGCINANQVIVNNLDKSAGFPFNKWGKARLYYDSMSYEDQDALFAYTKRNVIPTITQMNLKYAISAKNRARTVAG
VSICSTMTNRQFHQKLLKSIAATRGATVVIGTSKFYGGWHNMLKTVYSDVENPHLMGWDYPKCDRAMPNMLRIMASLVLA
RKHTTCCSLSHRFYRLANECAQVLSEMVMCGGSLYVKPGGTSSGDATTAYANSVFNICQAVTANVNALLSTDGNKIADKY
VRNLQHRLYECLYRNRDVDTDFVNEFYAYLRKHFSMMILSDDAVVCFNSTYASQGLVASIKNFKSVLYYQNNVFMSEAKC
WTETDLTKGPHEFCSQHTMLVKQGDDYVYLPYPDPSRILGAGCFVDDIVKTDGTLMIERFVSLAIDAYPLTKHPNQEYAD
VFHLYLQYIRKLHDELTGHMLDMYSVMLTNDNTSRYWEPEFYEAMYTPHTVLQGGSENLYFQG
;
A
#
loop_
_chem_comp.id
_chem_comp.type
_chem_comp.name
_chem_comp.formula
H3U non-polymer '8-(3-(3-aminobenzamido)-4-methylbenzamido)naphthalene-1,3,5-trisulfonic acid' 'C25 H21 N3 O11 S3'
ZN non-polymer 'ZINC ION' 'Zn 2'
#
# COMPACT_ATOMS: atom_id res chain seq x y z
N ASP A 79 40.62 10.38 9.37
CA ASP A 79 40.07 9.76 10.60
C ASP A 79 39.18 8.57 10.21
N LYS A 80 37.99 8.87 9.71
CA LYS A 80 37.02 7.81 9.28
C LYS A 80 36.91 7.82 7.75
N ARG A 81 37.32 8.91 7.11
CA ARG A 81 37.23 9.03 5.63
C ARG A 81 38.15 7.98 4.99
N ALA A 82 39.37 7.82 5.52
CA ALA A 82 40.32 6.83 4.97
C ALA A 82 39.77 5.42 5.16
N LYS A 83 39.23 5.12 6.35
CA LYS A 83 38.69 3.77 6.65
C LYS A 83 37.49 3.47 5.74
N VAL A 84 36.56 4.42 5.61
CA VAL A 84 35.35 4.20 4.75
C VAL A 84 35.77 4.07 3.28
N THR A 85 36.77 4.87 2.86
CA THR A 85 37.22 4.82 1.44
C THR A 85 37.78 3.44 1.14
N SER A 86 38.58 2.87 2.06
CA SER A 86 39.16 1.53 1.85
C SER A 86 38.04 0.48 1.80
N ALA A 87 37.08 0.58 2.73
CA ALA A 87 35.98 -0.41 2.76
C ALA A 87 35.15 -0.33 1.48
N MET A 88 34.84 0.89 1.03
CA MET A 88 34.05 1.06 -0.22
C MET A 88 34.88 0.57 -1.41
N GLN A 89 36.16 0.92 -1.46
CA GLN A 89 37.04 0.52 -2.59
C GLN A 89 37.22 -1.00 -2.65
N THR A 90 37.45 -1.65 -1.50
CA THR A 90 37.64 -3.12 -1.50
C THR A 90 36.36 -3.82 -1.95
N MET A 91 35.20 -3.32 -1.52
CA MET A 91 33.91 -3.93 -1.92
C MET A 91 33.69 -3.79 -3.43
N LEU A 92 34.01 -2.63 -4.00
CA LEU A 92 33.78 -2.40 -5.46
C LEU A 92 34.62 -3.41 -6.26
N PHE A 93 35.87 -3.62 -5.86
CA PHE A 93 36.76 -4.59 -6.56
C PHE A 93 36.24 -6.02 -6.36
N THR A 94 35.78 -6.36 -5.15
CA THR A 94 35.30 -7.74 -4.89
C THR A 94 34.13 -8.09 -5.82
N MET A 95 33.15 -7.19 -5.96
CA MET A 95 32.01 -7.46 -6.88
C MET A 95 32.51 -7.44 -8.32
N LEU A 96 33.46 -6.56 -8.63
CA LEU A 96 34.04 -6.45 -9.99
C LEU A 96 34.71 -7.78 -10.34
N ARG A 97 35.47 -8.35 -9.40
CA ARG A 97 36.20 -9.63 -9.64
C ARG A 97 35.21 -10.78 -9.90
N LYS A 98 34.12 -10.82 -9.14
CA LYS A 98 33.12 -11.93 -9.24
C LYS A 98 32.46 -12.01 -10.62
N LEU A 99 32.07 -10.87 -11.19
CA LEU A 99 31.33 -10.87 -12.48
C LEU A 99 32.21 -11.35 -13.64
N ASP A 100 31.64 -12.21 -14.50
CA ASP A 100 32.25 -12.72 -15.71
C ASP A 100 32.33 -11.60 -16.74
N ASN A 101 33.30 -11.70 -17.63
CA ASN A 101 33.50 -10.69 -18.65
C ASN A 101 33.36 -11.20 -20.07
N ASP A 102 33.08 -12.49 -20.27
CA ASP A 102 32.83 -13.00 -21.62
C ASP A 102 31.35 -12.85 -22.00
N ALA A 103 30.46 -13.46 -21.21
CA ALA A 103 29.04 -13.39 -21.53
C ALA A 103 28.47 -12.00 -21.24
N LEU A 104 29.07 -11.27 -20.29
CA LEU A 104 28.63 -9.90 -20.03
C LEU A 104 28.99 -8.99 -21.21
N ASN A 105 30.19 -9.14 -21.77
CA ASN A 105 30.54 -8.42 -22.97
C ASN A 105 29.81 -8.93 -24.21
N ASN A 106 29.37 -10.19 -24.19
CA ASN A 106 28.58 -10.70 -25.31
C ASN A 106 27.18 -10.10 -25.30
N ILE A 107 26.59 -9.94 -24.12
CA ILE A 107 25.26 -9.36 -24.01
C ILE A 107 25.29 -7.87 -24.33
N ILE A 108 26.30 -7.16 -23.82
CA ILE A 108 26.37 -5.71 -23.97
C ILE A 108 26.65 -5.30 -25.41
N ASN A 109 27.50 -6.06 -26.12
CA ASN A 109 27.86 -5.70 -27.48
C ASN A 109 26.77 -5.94 -28.51
N ASN A 110 25.74 -6.72 -28.18
CA ASN A 110 24.60 -6.83 -29.09
C ASN A 110 23.68 -5.64 -29.01
N ALA A 111 23.80 -4.82 -27.97
CA ALA A 111 23.03 -3.59 -27.91
C ALA A 111 23.64 -2.54 -28.85
N ARG A 112 22.79 -1.65 -29.34
CA ARG A 112 23.24 -0.64 -30.30
C ARG A 112 24.12 0.39 -29.64
N ASP A 113 23.58 1.10 -28.66
CA ASP A 113 24.30 2.17 -27.97
C ASP A 113 25.11 1.66 -26.79
N GLY A 114 25.27 0.35 -26.64
CA GLY A 114 26.01 -0.20 -25.52
C GLY A 114 25.34 -0.05 -24.18
N CYS A 115 24.03 0.17 -24.17
CA CYS A 115 23.26 0.40 -22.95
C CYS A 115 22.18 -0.65 -22.86
N VAL A 116 22.14 -1.37 -21.74
CA VAL A 116 21.17 -2.44 -21.54
C VAL A 116 20.44 -2.17 -20.23
N PRO A 117 19.25 -2.73 -20.06
CA PRO A 117 18.62 -2.67 -18.74
C PRO A 117 19.39 -3.48 -17.72
N LEU A 118 19.32 -3.03 -16.46
CA LEU A 118 19.98 -3.77 -15.39
C LEU A 118 19.25 -5.07 -15.08
N ASN A 119 17.93 -5.09 -15.24
CA ASN A 119 17.11 -6.24 -14.86
C ASN A 119 17.40 -7.48 -15.69
N ILE A 120 18.01 -7.33 -16.87
CA ILE A 120 18.36 -8.49 -17.69
C ILE A 120 19.78 -8.99 -17.48
N ILE A 121 20.61 -8.27 -16.73
CA ILE A 121 22.00 -8.68 -16.52
C ILE A 121 22.08 -9.99 -15.71
N PRO A 122 21.44 -10.15 -14.54
CA PRO A 122 21.46 -11.49 -13.94
C PRO A 122 20.51 -12.47 -14.59
N LEU A 123 19.58 -11.98 -15.42
CA LEU A 123 18.67 -12.88 -16.11
C LEU A 123 19.36 -13.60 -17.25
N THR A 124 20.39 -12.99 -17.84
CA THR A 124 21.07 -13.57 -18.98
C THR A 124 22.51 -13.97 -18.72
N THR A 125 23.20 -13.37 -17.76
CA THR A 125 24.62 -13.64 -17.58
C THR A 125 24.99 -14.35 -16.29
N ALA A 126 24.04 -14.59 -15.38
CA ALA A 126 24.39 -15.23 -14.13
C ALA A 126 24.60 -16.72 -14.31
N ALA A 127 25.42 -17.30 -13.44
CA ALA A 127 25.72 -18.72 -13.49
C ALA A 127 24.93 -19.52 -12.46
N LYS A 128 24.52 -18.89 -11.37
CA LYS A 128 23.73 -19.53 -10.34
C LYS A 128 22.30 -19.01 -10.39
N LEU A 129 21.37 -19.87 -10.00
CA LEU A 129 19.97 -19.49 -9.85
C LEU A 129 19.49 -20.01 -8.51
N MET A 130 18.91 -19.13 -7.70
CA MET A 130 18.33 -19.50 -6.42
C MET A 130 16.81 -19.42 -6.52
N VAL A 131 16.14 -20.54 -6.30
CA VAL A 131 14.69 -20.60 -6.30
C VAL A 131 14.22 -20.82 -4.88
N VAL A 132 13.45 -19.88 -4.35
CA VAL A 132 12.84 -20.01 -3.04
C VAL A 132 11.41 -20.50 -3.24
N ILE A 133 11.10 -21.66 -2.68
CA ILE A 133 9.85 -22.37 -2.96
C ILE A 133 9.09 -22.54 -1.65
N PRO A 134 7.85 -22.05 -1.55
CA PRO A 134 7.17 -22.04 -0.25
C PRO A 134 6.43 -23.31 0.14
N ASP A 135 6.02 -24.14 -0.83
CA ASP A 135 5.31 -25.37 -0.51
C ASP A 135 5.59 -26.39 -1.59
N TYR A 136 5.03 -27.60 -1.43
CA TYR A 136 5.29 -28.67 -2.39
C TYR A 136 4.59 -28.43 -3.71
N ASN A 137 3.42 -27.77 -3.67
CA ASN A 137 2.63 -27.55 -4.89
C ASN A 137 3.36 -26.61 -5.85
N THR A 138 4.16 -25.69 -5.33
CA THR A 138 4.98 -24.84 -6.17
C THR A 138 6.23 -25.57 -6.64
N TYR A 139 6.74 -26.49 -5.84
CA TYR A 139 7.93 -27.24 -6.21
C TYR A 139 7.65 -28.20 -7.35
N LYS A 140 6.47 -28.80 -7.37
CA LYS A 140 6.17 -29.75 -8.44
C LYS A 140 5.93 -29.07 -9.78
N ASN A 141 5.64 -27.77 -9.78
CA ASN A 141 5.45 -27.00 -11.00
C ASN A 141 6.70 -26.25 -11.43
N THR A 142 7.55 -25.88 -10.48
CA THR A 142 8.66 -24.97 -10.78
C THR A 142 9.95 -25.71 -11.08
N CYS A 143 10.42 -26.53 -10.12
CA CYS A 143 11.69 -27.24 -10.23
C CYS A 143 11.42 -28.72 -10.00
N ASP A 144 10.94 -29.40 -11.03
CA ASP A 144 10.64 -30.83 -10.94
C ASP A 144 11.69 -31.61 -11.71
N GLY A 145 12.15 -32.70 -11.12
CA GLY A 145 13.23 -33.47 -11.69
C GLY A 145 14.58 -32.92 -11.26
N THR A 146 15.62 -33.35 -11.98
CA THR A 146 16.96 -32.87 -11.71
C THR A 146 17.34 -31.68 -12.56
N THR A 147 16.62 -31.41 -13.65
CA THR A 147 16.81 -30.21 -14.45
C THR A 147 15.45 -29.57 -14.71
N PHE A 148 15.45 -28.25 -14.76
CA PHE A 148 14.25 -27.48 -15.06
C PHE A 148 14.64 -26.34 -15.98
N THR A 149 13.63 -25.63 -16.48
CA THR A 149 13.82 -24.57 -17.45
C THR A 149 13.23 -23.27 -16.91
N TYR A 150 14.07 -22.26 -16.78
CA TYR A 150 13.62 -20.94 -16.37
C TYR A 150 14.46 -19.90 -17.10
N ALA A 151 13.77 -18.84 -17.58
CA ALA A 151 14.38 -17.70 -18.27
C ALA A 151 15.15 -18.12 -19.51
N SER A 152 14.57 -19.05 -20.27
CA SER A 152 15.11 -19.58 -21.53
C SER A 152 16.51 -20.17 -21.35
N ALA A 153 16.70 -20.89 -20.25
CA ALA A 153 17.95 -21.58 -20.01
C ALA A 153 17.63 -22.88 -19.29
N LEU A 154 18.55 -23.83 -19.39
CA LEU A 154 18.45 -25.10 -18.70
C LEU A 154 19.30 -25.02 -17.44
N TRP A 155 18.72 -25.43 -16.31
CA TRP A 155 19.39 -25.38 -15.03
C TRP A 155 19.39 -26.76 -14.41
N GLU A 156 20.57 -27.32 -14.18
CA GLU A 156 20.66 -28.56 -13.43
C GLU A 156 20.85 -28.23 -11.95
N ILE A 157 20.10 -28.92 -11.10
CA ILE A 157 20.05 -28.59 -9.68
C ILE A 157 21.33 -29.04 -9.01
N GLN A 158 21.98 -28.13 -8.28
CA GLN A 158 23.17 -28.48 -7.52
C GLN A 158 22.81 -28.89 -6.10
N GLN A 159 21.97 -28.11 -5.42
CA GLN A 159 21.76 -28.30 -4.00
C GLN A 159 20.38 -27.78 -3.62
N VAL A 160 19.76 -28.45 -2.65
CA VAL A 160 18.51 -27.99 -2.04
C VAL A 160 18.75 -27.92 -0.54
N VAL A 161 18.41 -26.78 0.07
CA VAL A 161 18.48 -26.62 1.51
C VAL A 161 17.12 -26.16 2.00
N ASP A 162 16.89 -26.30 3.30
CA ASP A 162 15.66 -25.83 3.90
C ASP A 162 15.90 -24.51 4.63
N ALA A 163 14.86 -24.02 5.31
CA ALA A 163 14.96 -22.76 6.03
C ALA A 163 15.88 -22.84 7.23
N ASP A 164 16.13 -24.04 7.75
CA ASP A 164 17.11 -24.24 8.82
C ASP A 164 18.53 -24.39 8.29
N SER A 165 18.73 -24.23 6.98
CA SER A 165 20.03 -24.38 6.29
C SER A 165 20.63 -25.77 6.48
N LYS A 166 19.85 -26.78 6.16
CA LYS A 166 20.32 -28.16 6.16
C LYS A 166 19.98 -28.78 4.81
N ILE A 167 20.87 -29.65 4.32
CA ILE A 167 20.75 -30.18 2.97
C ILE A 167 19.58 -31.16 2.89
N VAL A 168 18.62 -30.86 2.02
CA VAL A 168 17.49 -31.73 1.76
C VAL A 168 17.79 -32.50 0.47
N GLN A 169 17.75 -33.82 0.54
CA GLN A 169 17.96 -34.62 -0.65
C GLN A 169 16.74 -34.54 -1.57
N LEU A 170 16.95 -34.92 -2.83
CA LEU A 170 15.89 -34.81 -3.82
C LEU A 170 14.77 -35.81 -3.57
N SER A 171 15.10 -36.98 -3.03
CA SER A 171 14.10 -38.01 -2.77
C SER A 171 13.24 -37.68 -1.56
N GLU A 172 13.67 -36.75 -0.70
CA GLU A 172 12.88 -36.37 0.45
C GLU A 172 11.73 -35.45 0.12
N ILE A 173 11.73 -34.83 -1.06
CA ILE A 173 10.73 -33.83 -1.42
C ILE A 173 9.63 -34.55 -2.18
N SER A 174 8.66 -35.11 -1.44
CA SER A 174 7.47 -35.69 -2.05
C SER A 174 6.23 -35.10 -1.40
N MET A 175 5.06 -35.63 -1.74
CA MET A 175 3.86 -35.22 -1.02
C MET A 175 3.79 -35.88 0.37
N ASP A 176 4.46 -37.01 0.53
CA ASP A 176 4.40 -37.73 1.81
C ASP A 176 5.19 -37.00 2.89
N ASN A 177 6.43 -36.63 2.57
CA ASN A 177 7.38 -36.15 3.55
C ASN A 177 7.37 -34.64 3.69
N SER A 178 6.57 -33.94 2.88
CA SER A 178 6.59 -32.47 2.91
C SER A 178 6.07 -31.82 4.21
N PRO A 179 5.21 -32.42 5.03
CA PRO A 179 5.02 -31.86 6.38
C PRO A 179 6.14 -32.14 7.36
N ASN A 180 7.20 -32.85 6.97
CA ASN A 180 8.40 -32.96 7.79
C ASN A 180 9.48 -31.98 7.39
N LEU A 181 9.39 -31.40 6.19
CA LEU A 181 10.37 -30.46 5.69
C LEU A 181 10.09 -29.07 6.23
N ALA A 182 11.16 -28.33 6.50
CA ALA A 182 11.03 -26.95 6.98
C ALA A 182 10.98 -26.03 5.77
N TRP A 183 9.77 -25.74 5.32
CA TRP A 183 9.58 -24.85 4.20
C TRP A 183 9.85 -23.40 4.62
N PRO A 184 10.41 -22.57 3.74
CA PRO A 184 10.73 -22.72 2.32
C PRO A 184 11.99 -23.51 2.03
N LEU A 185 12.06 -24.08 0.82
CA LEU A 185 13.26 -24.73 0.32
C LEU A 185 13.95 -23.80 -0.65
N ILE A 186 15.27 -23.73 -0.56
CA ILE A 186 16.07 -22.86 -1.41
C ILE A 186 16.88 -23.75 -2.35
N VAL A 187 16.44 -23.84 -3.58
CA VAL A 187 17.08 -24.67 -4.60
C VAL A 187 18.16 -23.85 -5.29
N THR A 188 19.38 -24.38 -5.31
CA THR A 188 20.49 -23.76 -6.00
C THR A 188 20.78 -24.54 -7.27
N ALA A 189 20.80 -23.85 -8.40
CA ALA A 189 21.03 -24.48 -9.69
C ALA A 189 22.13 -23.76 -10.44
N LEU A 190 22.80 -24.47 -11.33
CA LEU A 190 23.82 -23.91 -12.20
C LEU A 190 23.33 -23.96 -13.64
N ARG A 191 23.78 -23.00 -14.44
CA ARG A 191 23.36 -22.95 -15.83
C ARG A 191 24.06 -24.01 -16.65
N ALA A 192 23.31 -24.68 -17.52
CA ALA A 192 23.86 -25.77 -18.31
C ALA A 192 24.73 -25.25 -19.43
N LYS B 3 -6.85 -14.58 36.00
CA LYS B 3 -7.16 -13.46 35.13
C LYS B 3 -6.86 -13.79 33.68
N MET B 4 -6.95 -12.78 32.82
CA MET B 4 -6.44 -12.84 31.47
C MET B 4 -5.10 -12.14 31.32
N SER B 5 -4.90 -11.02 32.01
CA SER B 5 -3.63 -10.31 31.95
C SER B 5 -2.50 -11.16 32.52
N ASP B 6 -2.79 -11.98 33.53
CA ASP B 6 -1.76 -12.79 34.14
C ASP B 6 -1.31 -13.91 33.20
N VAL B 7 -2.27 -14.55 32.51
CA VAL B 7 -1.90 -15.62 31.60
C VAL B 7 -1.26 -15.05 30.33
N LYS B 8 -1.63 -13.83 29.94
CA LYS B 8 -0.99 -13.20 28.78
C LYS B 8 0.46 -12.79 29.09
N CYS B 9 0.70 -12.26 30.29
CA CYS B 9 2.05 -11.90 30.67
C CYS B 9 2.93 -13.14 30.88
N THR B 10 2.34 -14.22 31.39
CA THR B 10 3.08 -15.45 31.55
C THR B 10 3.40 -16.09 30.19
N SER B 11 2.51 -15.92 29.21
CA SER B 11 2.80 -16.38 27.85
C SER B 11 3.94 -15.60 27.22
N VAL B 12 4.01 -14.29 27.48
CA VAL B 12 5.12 -13.48 26.99
C VAL B 12 6.44 -13.94 27.60
N VAL B 13 6.45 -14.19 28.92
CA VAL B 13 7.65 -14.67 29.60
C VAL B 13 8.06 -16.06 29.09
N LEU B 14 7.07 -16.91 28.80
CA LEU B 14 7.34 -18.25 28.30
C LEU B 14 7.96 -18.22 26.91
N LEU B 15 7.48 -17.35 26.02
CA LEU B 15 8.13 -17.25 24.72
C LEU B 15 9.50 -16.60 24.81
N SER B 16 9.72 -15.72 25.80
CA SER B 16 11.07 -15.19 26.00
C SER B 16 12.05 -16.27 26.43
N VAL B 17 11.65 -17.14 27.36
CA VAL B 17 12.58 -18.19 27.76
C VAL B 17 12.67 -19.31 26.72
N LEU B 18 11.71 -19.41 25.82
CA LEU B 18 11.89 -20.32 24.68
C LEU B 18 12.88 -19.74 23.68
N GLN B 19 12.80 -18.42 23.45
CA GLN B 19 13.71 -17.76 22.54
C GLN B 19 15.13 -17.74 23.08
N GLN B 20 15.30 -17.72 24.39
CA GLN B 20 16.64 -17.78 24.96
C GLN B 20 17.24 -19.18 24.93
N LEU B 21 16.41 -20.21 24.79
CA LEU B 21 16.90 -21.58 24.64
C LEU B 21 17.16 -21.94 23.18
N ARG B 22 17.26 -20.93 22.30
CA ARG B 22 17.56 -21.08 20.87
C ARG B 22 16.56 -21.98 20.16
N VAL B 23 15.27 -21.78 20.46
CA VAL B 23 14.20 -22.47 19.75
C VAL B 23 14.14 -21.99 18.31
N GLU B 24 14.45 -20.71 18.06
CA GLU B 24 14.29 -20.14 16.73
C GLU B 24 15.31 -20.61 15.71
N SER B 25 16.27 -21.44 16.10
CA SER B 25 17.13 -22.13 15.14
C SER B 25 16.41 -23.28 14.45
N SER B 26 15.19 -23.60 14.91
CA SER B 26 14.33 -24.58 14.22
C SER B 26 13.15 -23.80 13.65
N SER B 27 13.05 -23.71 12.32
CA SER B 27 11.98 -22.90 11.68
C SER B 27 10.58 -23.47 12.00
N LYS B 28 10.43 -24.80 11.91
CA LYS B 28 9.13 -25.48 12.16
C LYS B 28 8.70 -25.30 13.63
N LEU B 29 9.65 -25.42 14.57
CA LEU B 29 9.38 -25.28 16.02
C LEU B 29 9.10 -23.82 16.38
N TRP B 30 9.90 -22.88 15.85
CA TRP B 30 9.72 -21.44 16.15
C TRP B 30 8.39 -20.93 15.60
N ALA B 31 8.02 -21.35 14.40
CA ALA B 31 6.75 -20.87 13.79
C ALA B 31 5.56 -21.31 14.65
N GLN B 32 5.57 -22.55 15.14
CA GLN B 32 4.46 -23.06 16.00
C GLN B 32 4.40 -22.26 17.30
N CYS B 33 5.55 -21.99 17.92
CA CYS B 33 5.59 -21.23 19.20
C CYS B 33 5.07 -19.82 18.99
N VAL B 34 5.48 -19.17 17.89
CA VAL B 34 5.03 -17.77 17.59
C VAL B 34 3.52 -17.78 17.39
N GLN B 35 2.99 -18.78 16.68
CA GLN B 35 1.53 -18.84 16.41
C GLN B 35 0.75 -18.98 17.71
N LEU B 36 1.21 -19.85 18.62
CA LEU B 36 0.51 -20.05 19.92
C LEU B 36 0.58 -18.77 20.75
N HIS B 37 1.76 -18.14 20.81
CA HIS B 37 1.96 -16.90 21.62
C HIS B 37 1.08 -15.77 21.06
N ASN B 38 1.03 -15.62 19.74
CA ASN B 38 0.19 -14.56 19.12
C ASN B 38 -1.27 -14.81 19.43
N ASP B 39 -1.73 -16.07 19.34
CA ASP B 39 -3.14 -16.41 19.61
C ASP B 39 -3.49 -16.09 21.07
N ILE B 40 -2.59 -16.43 21.99
CA ILE B 40 -2.84 -16.16 23.44
C ILE B 40 -2.97 -14.66 23.66
N LEU B 41 -2.12 -13.86 23.00
CA LEU B 41 -2.16 -12.42 23.21
C LEU B 41 -3.39 -11.76 22.59
N LEU B 42 -4.08 -12.43 21.66
CA LEU B 42 -5.30 -11.90 21.09
C LEU B 42 -6.55 -12.62 21.60
N ALA B 43 -6.42 -13.42 22.64
CA ALA B 43 -7.55 -14.20 23.13
C ALA B 43 -8.48 -13.33 23.96
N LYS B 44 -9.74 -13.75 24.02
CA LYS B 44 -10.78 -12.99 24.71
C LYS B 44 -11.37 -13.72 25.90
N ASP B 45 -11.40 -15.04 25.90
CA ASP B 45 -11.80 -15.81 27.07
C ASP B 45 -10.62 -16.63 27.56
N THR B 46 -10.78 -17.22 28.74
CA THR B 46 -9.64 -17.82 29.41
C THR B 46 -9.49 -19.31 29.14
N THR B 47 -10.43 -19.95 28.46
CA THR B 47 -10.30 -21.38 28.21
C THR B 47 -9.42 -21.67 27.01
N GLU B 48 -9.65 -20.94 25.92
CA GLU B 48 -8.79 -21.03 24.74
C GLU B 48 -7.36 -20.62 25.05
N ALA B 49 -7.20 -19.56 25.85
CA ALA B 49 -5.87 -19.07 26.19
C ALA B 49 -5.13 -20.07 27.05
N PHE B 50 -5.83 -20.75 27.96
CA PHE B 50 -5.15 -21.74 28.78
C PHE B 50 -4.85 -23.02 28.01
N GLU B 51 -5.69 -23.30 27.01
CA GLU B 51 -5.47 -24.48 26.12
C GLU B 51 -4.18 -24.25 25.31
N LYS B 52 -4.00 -23.05 24.75
CA LYS B 52 -2.78 -22.72 24.01
C LYS B 52 -1.59 -22.54 24.94
N MET B 53 -1.83 -22.17 26.20
CA MET B 53 -0.75 -22.13 27.19
C MET B 53 -0.24 -23.52 27.54
N VAL B 54 -1.15 -24.51 27.60
CA VAL B 54 -0.76 -25.91 27.71
C VAL B 54 0.17 -26.31 26.57
N SER B 55 -0.27 -26.05 25.34
CA SER B 55 0.51 -26.47 24.18
C SER B 55 1.80 -25.69 24.02
N LEU B 56 1.89 -24.48 24.56
CA LEU B 56 3.14 -23.73 24.50
C LEU B 56 4.10 -24.16 25.60
N LEU B 57 3.59 -24.50 26.78
CA LEU B 57 4.44 -24.99 27.86
C LEU B 57 5.01 -26.36 27.54
N SER B 58 4.29 -27.15 26.74
CA SER B 58 4.80 -28.45 26.32
C SER B 58 6.04 -28.35 25.43
N VAL B 59 6.26 -27.21 24.78
CA VAL B 59 7.49 -27.03 24.01
C VAL B 59 8.67 -26.90 24.95
N LEU B 60 8.52 -26.16 26.04
CA LEU B 60 9.61 -26.00 27.01
C LEU B 60 9.87 -27.30 27.75
N LEU B 61 8.81 -28.02 28.12
CA LEU B 61 9.03 -29.26 28.84
C LEU B 61 9.39 -30.43 27.93
N SER B 62 9.43 -30.23 26.62
CA SER B 62 9.95 -31.25 25.72
C SER B 62 11.48 -31.28 25.72
N MET B 63 12.11 -30.16 26.04
CA MET B 63 13.57 -30.13 26.16
C MET B 63 13.97 -30.54 27.57
N GLN B 64 15.23 -30.34 27.90
CA GLN B 64 15.79 -30.74 29.19
C GLN B 64 15.75 -29.60 30.20
N GLY B 65 15.09 -28.50 29.87
CA GLY B 65 15.01 -27.34 30.75
C GLY B 65 15.83 -26.18 30.24
N THR C 85 19.33 -15.48 31.94
CA THR C 85 18.62 -16.68 31.44
C THR C 85 17.99 -17.44 32.61
N SER C 86 18.80 -17.76 33.63
CA SER C 86 18.33 -18.51 34.82
C SER C 86 17.26 -17.70 35.57
N ALA C 87 17.46 -16.38 35.67
CA ALA C 87 16.50 -15.51 36.40
C ALA C 87 15.14 -15.56 35.72
N MET C 88 15.10 -15.49 34.38
CA MET C 88 13.81 -15.52 33.63
C MET C 88 13.13 -16.88 33.83
N GLN C 89 13.90 -17.97 33.80
CA GLN C 89 13.30 -19.33 33.99
C GLN C 89 12.68 -19.40 35.39
N THR C 90 13.40 -18.91 36.40
CA THR C 90 12.86 -18.90 37.79
C THR C 90 11.63 -18.00 37.84
N MET C 91 11.70 -16.85 37.18
CA MET C 91 10.59 -15.86 37.14
C MET C 91 9.37 -16.46 36.44
N LEU C 92 9.59 -17.19 35.34
CA LEU C 92 8.47 -17.80 34.59
C LEU C 92 7.74 -18.82 35.47
N PHE C 93 8.49 -19.67 36.18
CA PHE C 93 7.88 -20.71 37.04
C PHE C 93 7.10 -20.08 38.20
N THR C 94 7.62 -18.98 38.78
CA THR C 94 6.93 -18.35 39.93
C THR C 94 5.54 -17.88 39.50
N MET C 95 5.44 -17.20 38.36
CA MET C 95 4.12 -16.74 37.84
C MET C 95 3.28 -17.92 37.35
N LEU C 96 3.92 -18.93 36.77
CA LEU C 96 3.20 -20.12 36.23
C LEU C 96 2.44 -20.81 37.37
N ARG C 97 3.09 -20.95 38.53
CA ARG C 97 2.43 -21.55 39.73
C ARG C 97 1.32 -20.61 40.22
N LYS C 98 1.55 -19.31 40.10
CA LYS C 98 0.60 -18.25 40.54
C LYS C 98 -0.72 -18.34 39.76
N LEU C 99 -0.67 -18.73 38.48
CA LEU C 99 -1.90 -18.85 37.66
C LEU C 99 -2.82 -19.91 38.28
N ASP C 100 -2.24 -21.02 38.73
CA ASP C 100 -2.95 -22.13 39.41
C ASP C 100 -4.00 -22.79 38.49
N ASN C 101 -3.58 -23.19 37.29
CA ASN C 101 -4.46 -23.93 36.41
C ASN C 101 -4.35 -25.42 36.69
N ASP C 102 -5.43 -26.15 36.35
CA ASP C 102 -5.43 -27.59 36.55
C ASP C 102 -4.45 -28.27 35.62
N ALA C 103 -4.52 -27.95 34.33
CA ALA C 103 -3.72 -28.64 33.32
C ALA C 103 -2.25 -28.24 33.41
N LEU C 104 -2.00 -26.96 33.72
CA LEU C 104 -0.61 -26.45 33.86
C LEU C 104 0.07 -27.13 35.06
N ASN C 105 -0.63 -27.25 36.19
CA ASN C 105 -0.09 -27.93 37.35
C ASN C 105 0.08 -29.42 37.10
N ASN C 106 -0.82 -30.01 36.31
CA ASN C 106 -0.69 -31.42 35.95
C ASN C 106 0.60 -31.65 35.16
N ILE C 107 0.83 -30.84 34.12
CA ILE C 107 2.02 -31.01 33.29
C ILE C 107 3.29 -30.74 34.08
N ILE C 108 3.29 -29.71 34.92
CA ILE C 108 4.49 -29.34 35.64
C ILE C 108 4.82 -30.37 36.74
N ASN C 109 3.79 -30.87 37.44
CA ASN C 109 4.04 -31.84 38.50
C ASN C 109 4.40 -33.22 37.94
N ASN C 110 3.82 -33.63 36.81
CA ASN C 110 4.24 -34.91 36.23
C ASN C 110 5.59 -34.81 35.54
N ALA C 111 5.92 -33.67 34.93
CA ALA C 111 7.27 -33.49 34.39
C ALA C 111 8.31 -33.32 35.49
N ARG C 112 7.88 -32.97 36.70
CA ARG C 112 8.79 -32.99 37.84
C ARG C 112 9.18 -34.42 38.21
N ASP C 113 8.32 -35.38 37.92
CA ASP C 113 8.56 -36.79 38.24
C ASP C 113 9.18 -37.55 37.08
N GLY C 114 9.73 -36.85 36.08
CA GLY C 114 10.35 -37.47 34.94
C GLY C 114 9.42 -37.72 33.77
N CYS C 115 8.12 -37.57 33.95
CA CYS C 115 7.14 -37.86 32.90
C CYS C 115 6.99 -36.62 32.02
N VAL C 116 7.89 -36.47 31.07
CA VAL C 116 7.89 -35.32 30.16
C VAL C 116 7.29 -35.77 28.84
N PRO C 117 6.74 -34.89 28.02
CA PRO C 117 6.32 -35.29 26.68
C PRO C 117 7.50 -35.31 25.72
N LEU C 118 7.21 -35.71 24.48
CA LEU C 118 8.19 -35.69 23.40
C LEU C 118 7.87 -34.70 22.31
N ASN C 119 6.59 -34.46 22.05
CA ASN C 119 6.15 -33.47 21.09
C ASN C 119 5.26 -32.44 21.78
N ILE C 120 4.67 -31.56 21.00
CA ILE C 120 3.74 -30.56 21.51
C ILE C 120 2.41 -31.24 21.84
N ILE C 121 1.85 -30.92 23.01
CA ILE C 121 0.53 -31.41 23.39
C ILE C 121 -0.50 -30.85 22.41
N PRO C 122 -1.21 -31.69 21.69
CA PRO C 122 -2.15 -31.17 20.68
C PRO C 122 -3.45 -30.69 21.30
N LEU C 123 -4.10 -29.79 20.58
CA LEU C 123 -5.37 -29.25 21.03
C LEU C 123 -6.55 -29.82 20.28
N THR C 124 -6.38 -30.20 19.02
CA THR C 124 -7.45 -30.81 18.27
C THR C 124 -7.68 -32.25 18.73
N THR C 125 -8.90 -32.72 18.52
CA THR C 125 -9.24 -34.08 18.92
C THR C 125 -8.61 -35.10 17.98
N ALA C 126 -8.32 -36.28 18.55
CA ALA C 126 -7.75 -37.43 17.86
C ALA C 126 -6.41 -37.09 17.19
N ALA C 127 -5.45 -36.65 18.00
CA ALA C 127 -4.15 -36.25 17.52
C ALA C 127 -3.05 -36.87 18.38
N LYS C 128 -1.86 -36.92 17.80
CA LYS C 128 -0.76 -37.72 18.33
C LYS C 128 -0.16 -37.07 19.57
N LEU C 129 0.29 -37.91 20.51
CA LEU C 129 0.95 -37.43 21.71
C LEU C 129 1.93 -38.48 22.19
N MET C 130 3.23 -38.18 22.12
CA MET C 130 4.26 -39.06 22.65
C MET C 130 4.70 -38.54 24.00
N VAL C 131 4.70 -39.41 25.01
CA VAL C 131 5.05 -39.05 26.37
C VAL C 131 5.84 -40.20 27.00
N VAL C 132 6.95 -39.87 27.65
CA VAL C 132 7.77 -40.89 28.28
C VAL C 132 7.31 -41.07 29.72
N ILE C 133 7.51 -42.27 30.24
CA ILE C 133 7.20 -42.62 31.62
C ILE C 133 8.42 -43.35 32.17
N PRO C 134 9.12 -42.80 33.16
CA PRO C 134 10.34 -43.45 33.66
C PRO C 134 10.16 -44.36 34.86
N ASP C 135 9.06 -44.24 35.61
CA ASP C 135 8.87 -44.96 36.86
C ASP C 135 7.54 -45.69 36.80
N TYR C 136 7.47 -46.82 37.50
CA TYR C 136 6.24 -47.61 37.50
C TYR C 136 5.18 -46.96 38.37
N ASN C 137 5.59 -46.26 39.42
CA ASN C 137 4.64 -45.53 40.26
C ASN C 137 4.01 -44.39 39.48
N THR C 138 4.78 -43.75 38.60
CA THR C 138 4.23 -42.70 37.75
C THR C 138 3.28 -43.29 36.71
N TYR C 139 3.52 -44.52 36.28
CA TYR C 139 2.59 -45.21 35.39
C TYR C 139 1.30 -45.54 36.12
N LYS C 140 1.41 -45.95 37.39
CA LYS C 140 0.22 -46.21 38.21
C LYS C 140 -0.60 -44.95 38.44
N ASN C 141 0.08 -43.83 38.71
CA ASN C 141 -0.62 -42.59 38.95
C ASN C 141 -1.25 -42.05 37.67
N THR C 142 -0.57 -42.19 36.55
CA THR C 142 -1.08 -41.66 35.29
C THR C 142 -2.06 -42.61 34.60
N CYS C 143 -1.66 -43.84 34.37
CA CYS C 143 -2.43 -44.77 33.57
C CYS C 143 -3.31 -45.65 34.45
N ASP C 144 -4.52 -45.94 33.96
CA ASP C 144 -5.46 -46.84 34.62
C ASP C 144 -6.37 -47.34 33.50
N GLY C 145 -6.13 -48.55 33.03
CA GLY C 145 -6.90 -49.10 31.94
C GLY C 145 -6.29 -48.76 30.59
N THR C 146 -7.15 -48.74 29.57
CA THR C 146 -6.73 -48.35 28.23
C THR C 146 -6.76 -46.85 28.00
N THR C 147 -7.00 -46.05 29.03
CA THR C 147 -7.00 -44.61 28.93
C THR C 147 -6.27 -44.00 30.12
N PHE C 148 -5.72 -42.80 29.90
CA PHE C 148 -5.04 -42.08 30.96
C PHE C 148 -5.30 -40.59 30.78
N THR C 149 -5.08 -39.85 31.86
CA THR C 149 -5.36 -38.42 31.89
C THR C 149 -4.06 -37.63 31.94
N TYR C 150 -3.87 -36.76 30.96
CA TYR C 150 -2.72 -35.85 30.88
C TYR C 150 -3.27 -34.49 30.49
N ALA C 151 -2.81 -33.45 31.20
CA ALA C 151 -3.20 -32.06 30.98
C ALA C 151 -4.71 -31.86 31.09
N SER C 152 -5.32 -32.57 32.05
CA SER C 152 -6.76 -32.54 32.33
C SER C 152 -7.61 -32.88 31.11
N ALA C 153 -7.11 -33.81 30.30
CA ALA C 153 -7.85 -34.32 29.15
C ALA C 153 -7.69 -35.82 29.10
N LEU C 154 -8.62 -36.49 28.44
CA LEU C 154 -8.58 -37.93 28.33
C LEU C 154 -7.89 -38.34 27.04
N TRP C 155 -6.98 -39.30 27.17
CA TRP C 155 -6.25 -39.85 26.04
C TRP C 155 -6.23 -41.36 26.18
N GLU C 156 -6.63 -42.06 25.13
CA GLU C 156 -6.64 -43.52 25.13
C GLU C 156 -5.52 -44.07 24.26
N ILE C 157 -4.96 -45.20 24.69
CA ILE C 157 -3.68 -45.68 24.18
C ILE C 157 -3.89 -46.35 22.84
N GLN C 158 -2.97 -46.08 21.90
CA GLN C 158 -2.92 -46.85 20.66
C GLN C 158 -1.96 -48.02 20.79
N GLN C 159 -0.68 -47.75 21.06
CA GLN C 159 0.28 -48.79 21.40
C GLN C 159 1.44 -48.16 22.15
N VAL C 160 2.02 -48.92 23.07
CA VAL C 160 3.12 -48.48 23.90
C VAL C 160 4.40 -49.09 23.36
N VAL C 161 5.40 -48.24 23.11
CA VAL C 161 6.65 -48.65 22.49
C VAL C 161 7.75 -48.50 23.53
N ASP C 162 8.35 -49.61 23.92
CA ASP C 162 9.33 -49.59 25.00
C ASP C 162 10.72 -49.24 24.46
N ALA C 163 11.74 -49.42 25.29
CA ALA C 163 13.11 -49.16 24.85
C ALA C 163 13.57 -50.18 23.81
N ASP C 164 12.94 -51.34 23.76
CA ASP C 164 13.22 -52.35 22.75
C ASP C 164 12.52 -52.07 21.43
N SER C 165 11.77 -50.97 21.35
CA SER C 165 11.17 -50.46 20.11
C SER C 165 10.18 -51.43 19.49
N LYS C 166 9.53 -52.25 20.33
CA LYS C 166 8.48 -53.15 19.89
C LYS C 166 7.29 -53.07 20.84
N ILE C 167 6.15 -53.59 20.38
CA ILE C 167 4.86 -53.25 20.98
C ILE C 167 4.69 -53.99 22.29
N VAL C 168 4.35 -53.25 23.35
CA VAL C 168 4.07 -53.81 24.66
C VAL C 168 2.56 -53.84 24.84
N GLN C 169 2.03 -54.98 25.28
CA GLN C 169 0.59 -55.13 25.42
C GLN C 169 0.06 -54.35 26.63
N LEU C 170 -1.26 -54.21 26.68
CA LEU C 170 -1.89 -53.47 27.77
C LEU C 170 -1.85 -54.25 29.07
N SER C 171 -2.11 -55.56 29.01
CA SER C 171 -2.08 -56.37 30.22
C SER C 171 -0.66 -56.88 30.51
N GLU C 172 0.27 -56.63 29.58
CA GLU C 172 1.65 -57.05 29.78
C GLU C 172 2.34 -56.24 30.87
N ILE C 173 1.86 -55.01 31.11
CA ILE C 173 2.41 -54.20 32.19
C ILE C 173 1.91 -54.72 33.52
N SER C 174 2.83 -55.12 34.39
CA SER C 174 2.49 -55.55 35.73
C SER C 174 3.62 -55.14 36.66
N MET C 175 3.42 -55.33 37.96
CA MET C 175 4.41 -54.89 38.92
C MET C 175 5.62 -55.82 38.93
N ASP C 176 5.44 -57.08 38.53
CA ASP C 176 6.57 -57.99 38.42
C ASP C 176 7.19 -57.92 37.03
N ASN C 177 6.46 -57.40 36.05
CA ASN C 177 7.04 -57.21 34.73
C ASN C 177 7.76 -55.87 34.62
N SER C 178 7.68 -55.04 35.65
CA SER C 178 8.48 -53.82 35.71
C SER C 178 9.97 -54.10 35.93
N PRO C 179 10.39 -55.14 36.66
CA PRO C 179 11.80 -55.55 36.52
C PRO C 179 12.10 -56.19 35.17
N ASN C 180 11.10 -56.76 34.50
CA ASN C 180 11.32 -57.42 33.23
C ASN C 180 11.55 -56.43 32.09
N TRP C 183 13.46 -49.84 31.50
CA TRP C 183 12.04 -49.52 31.73
C TRP C 183 11.39 -48.29 31.02
N PRO C 184 12.08 -47.08 30.92
CA PRO C 184 11.38 -45.91 30.36
C PRO C 184 10.88 -46.07 28.94
N LEU C 185 9.57 -45.97 28.80
CA LEU C 185 8.84 -46.44 27.63
C LEU C 185 7.85 -45.37 27.21
N ILE C 186 7.73 -45.13 25.91
CA ILE C 186 6.95 -44.00 25.40
C ILE C 186 5.55 -44.48 25.05
N VAL C 187 4.58 -43.60 25.21
CA VAL C 187 3.17 -43.90 25.02
C VAL C 187 2.61 -42.97 23.95
N THR C 188 1.91 -43.53 22.97
CA THR C 188 1.20 -42.75 21.98
C THR C 188 -0.30 -42.84 22.21
N ALA C 189 -1.00 -41.71 22.07
CA ALA C 189 -2.42 -41.66 22.37
C ALA C 189 -3.10 -40.64 21.47
N LEU C 190 -4.42 -40.57 21.58
CA LEU C 190 -5.24 -39.62 20.83
C LEU C 190 -6.29 -39.04 21.77
N ARG C 191 -6.83 -37.88 21.40
CA ARG C 191 -7.72 -37.15 22.29
C ARG C 191 -9.13 -37.72 22.28
N ALA C 192 -9.73 -37.80 23.47
CA ALA C 192 -11.13 -38.17 23.62
C ALA C 192 -12.00 -36.92 23.66
N SER D 7 -51.14 2.27 -32.54
CA SER D 7 -50.35 1.35 -33.36
C SER D 7 -48.93 1.88 -33.51
N PHE D 8 -48.36 2.31 -32.39
CA PHE D 8 -47.01 2.87 -32.42
C PHE D 8 -45.95 1.78 -32.45
N LEU D 9 -46.23 0.63 -31.82
CA LEU D 9 -45.23 -0.41 -31.70
C LEU D 9 -44.98 -1.13 -33.02
N ASN D 10 -46.04 -1.40 -33.78
CA ASN D 10 -45.84 -2.06 -35.07
C ASN D 10 -45.42 -1.06 -36.13
N ARG D 11 -45.42 0.23 -35.80
CA ARG D 11 -44.82 1.23 -36.69
C ARG D 11 -43.31 1.27 -36.55
N VAL D 12 -42.79 1.14 -35.32
CA VAL D 12 -41.34 1.18 -35.10
C VAL D 12 -40.70 -0.07 -35.69
N CYS D 13 -41.35 -1.24 -35.52
CA CYS D 13 -40.86 -2.43 -36.20
C CYS D 13 -41.39 -2.50 -37.63
N GLY D 14 -42.32 -1.62 -37.98
CA GLY D 14 -42.67 -1.44 -39.38
C GLY D 14 -41.56 -0.76 -40.14
N VAL D 15 -40.76 0.06 -39.45
CA VAL D 15 -39.57 0.63 -40.06
C VAL D 15 -38.47 -0.41 -40.19
N SER D 16 -38.07 -0.99 -39.05
CA SER D 16 -36.96 -1.93 -39.00
C SER D 16 -37.52 -3.32 -38.73
N ALA D 17 -37.23 -4.25 -39.63
CA ALA D 17 -37.73 -5.61 -39.50
C ALA D 17 -37.03 -6.32 -38.35
N ALA D 18 -37.63 -6.25 -37.17
CA ALA D 18 -37.15 -6.91 -35.95
C ALA D 18 -38.30 -6.91 -34.97
N ARG D 19 -38.51 -8.05 -34.31
CA ARG D 19 -39.60 -8.19 -33.35
C ARG D 19 -39.23 -7.50 -32.05
N LEU D 20 -40.14 -6.67 -31.54
CA LEU D 20 -39.85 -5.74 -30.47
C LEU D 20 -40.77 -5.96 -29.28
N THR D 21 -40.26 -5.67 -28.09
CA THR D 21 -41.03 -5.68 -26.86
C THR D 21 -40.81 -4.34 -26.15
N PRO D 22 -41.87 -3.60 -25.81
CA PRO D 22 -41.69 -2.28 -25.19
C PRO D 22 -41.13 -2.32 -23.78
N CYS D 23 -40.68 -1.18 -23.29
CA CYS D 23 -40.19 -1.07 -21.92
C CYS D 23 -40.79 0.14 -21.21
N VAL D 32 -36.54 6.94 -14.56
CA VAL D 32 -35.26 6.28 -14.67
C VAL D 32 -34.14 7.30 -14.49
N TYR D 33 -33.00 6.88 -13.96
CA TYR D 33 -31.89 7.77 -13.68
C TYR D 33 -30.66 7.30 -14.46
N ARG D 34 -30.19 8.15 -15.37
CA ARG D 34 -28.99 7.88 -16.15
C ARG D 34 -28.00 9.01 -15.92
N ALA D 35 -26.74 8.73 -16.21
CA ALA D 35 -25.66 9.68 -15.97
C ALA D 35 -25.34 10.43 -17.25
N PHE D 36 -25.19 11.74 -17.14
CA PHE D 36 -24.95 12.60 -18.28
C PHE D 36 -23.79 13.53 -17.99
N ASP D 37 -23.06 13.88 -19.03
CA ASP D 37 -22.02 14.90 -18.98
C ASP D 37 -22.59 16.15 -19.63
N ILE D 38 -23.03 17.10 -18.81
CA ILE D 38 -23.82 18.24 -19.26
C ILE D 38 -22.96 19.49 -19.19
N TYR D 39 -23.01 20.30 -20.24
CA TYR D 39 -22.49 21.66 -20.20
C TYR D 39 -23.45 22.56 -20.98
N ASN D 40 -24.17 23.41 -20.27
CA ASN D 40 -25.15 24.30 -20.89
C ASN D 40 -24.82 25.74 -20.55
N ASP D 41 -25.77 26.63 -20.83
CA ASP D 41 -25.79 27.95 -20.23
C ASP D 41 -26.48 27.96 -18.87
N LYS D 42 -27.04 26.83 -18.46
CA LYS D 42 -27.87 26.74 -17.25
C LYS D 42 -27.31 25.82 -16.19
N VAL D 43 -26.59 24.76 -16.59
CA VAL D 43 -26.12 23.75 -15.66
C VAL D 43 -24.89 23.08 -16.28
N ALA D 44 -23.92 22.72 -15.44
CA ALA D 44 -22.74 22.01 -15.90
C ALA D 44 -22.34 20.98 -14.86
N GLY D 45 -22.23 19.72 -15.27
CA GLY D 45 -21.78 18.69 -14.36
C GLY D 45 -21.84 17.32 -15.00
N PHE D 46 -21.23 16.37 -14.29
CA PHE D 46 -21.30 14.94 -14.62
C PHE D 46 -22.10 14.28 -13.51
N ALA D 47 -23.40 14.16 -13.70
CA ALA D 47 -24.30 13.74 -12.65
C ALA D 47 -25.35 12.80 -13.20
N LYS D 48 -26.12 12.22 -12.30
CA LYS D 48 -27.28 11.40 -12.68
C LYS D 48 -28.50 12.29 -12.79
N PHE D 49 -29.12 12.32 -13.97
CA PHE D 49 -30.30 13.12 -14.22
C PHE D 49 -31.47 12.19 -14.56
N LEU D 50 -32.63 12.80 -14.74
CA LEU D 50 -33.86 12.07 -15.05
C LEU D 50 -34.06 12.06 -16.56
N LYS D 51 -34.67 10.98 -17.06
CA LYS D 51 -34.96 10.82 -18.48
C LYS D 51 -36.46 10.75 -18.68
N THR D 52 -37.01 11.64 -19.50
CA THR D 52 -38.45 11.76 -19.68
C THR D 52 -38.94 11.60 -21.11
N ASN D 53 -38.14 11.96 -22.12
CA ASN D 53 -38.60 12.01 -23.51
C ASN D 53 -37.84 10.98 -24.33
N CYS D 54 -38.28 9.72 -24.25
CA CYS D 54 -37.69 8.61 -24.97
C CYS D 54 -38.63 7.42 -24.88
N CYS D 55 -38.46 6.48 -25.80
CA CYS D 55 -39.22 5.23 -25.81
C CYS D 55 -38.26 4.11 -26.16
N ARG D 56 -38.16 3.11 -25.30
CA ARG D 56 -37.22 2.02 -25.48
C ARG D 56 -37.97 0.73 -25.75
N PHE D 57 -37.63 0.07 -26.84
CA PHE D 57 -38.18 -1.23 -27.19
C PHE D 57 -37.03 -2.23 -27.30
N GLN D 58 -37.20 -3.39 -26.69
CA GLN D 58 -36.16 -4.41 -26.66
C GLN D 58 -36.38 -5.46 -27.74
N GLU D 59 -35.28 -6.01 -28.23
CA GLU D 59 -35.29 -6.99 -29.30
C GLU D 59 -35.10 -8.39 -28.71
N LYS D 60 -35.61 -9.40 -29.42
CA LYS D 60 -35.57 -10.78 -28.95
C LYS D 60 -34.77 -11.65 -29.92
N ASP D 61 -34.31 -12.78 -29.41
CA ASP D 61 -33.45 -13.72 -30.13
C ASP D 61 -34.30 -14.66 -30.98
N GLU D 62 -33.70 -15.78 -31.40
CA GLU D 62 -34.44 -16.86 -32.06
C GLU D 62 -35.53 -17.44 -31.16
N ASP D 63 -35.34 -17.38 -29.85
CA ASP D 63 -36.37 -17.71 -28.89
C ASP D 63 -37.12 -16.45 -28.47
N ASP D 64 -38.00 -16.59 -27.50
CA ASP D 64 -38.64 -15.41 -26.92
C ASP D 64 -37.92 -15.03 -25.62
N ASN D 65 -36.62 -14.79 -25.77
CA ASN D 65 -35.78 -14.31 -24.67
C ASN D 65 -35.14 -13.00 -25.11
N LEU D 66 -35.06 -12.06 -24.17
CA LEU D 66 -34.64 -10.70 -24.51
C LEU D 66 -33.13 -10.64 -24.69
N ILE D 67 -32.69 -9.71 -25.54
CA ILE D 67 -31.28 -9.49 -25.82
C ILE D 67 -30.97 -8.02 -25.51
N ASP D 68 -29.68 -7.69 -25.44
CA ASP D 68 -29.15 -6.34 -25.18
C ASP D 68 -29.37 -5.34 -26.33
N SER D 69 -30.18 -5.60 -27.35
CA SER D 69 -30.47 -4.61 -28.38
C SER D 69 -31.69 -3.80 -27.96
N TYR D 70 -31.58 -2.48 -28.06
CA TYR D 70 -32.68 -1.58 -27.73
C TYR D 70 -32.89 -0.62 -28.89
N PHE D 71 -34.12 -0.15 -29.03
CA PHE D 71 -34.51 0.71 -30.13
C PHE D 71 -35.07 1.98 -29.50
N VAL D 72 -34.20 2.97 -29.31
CA VAL D 72 -34.59 4.20 -28.65
C VAL D 72 -35.25 5.13 -29.66
N VAL D 73 -36.53 5.41 -29.46
CA VAL D 73 -37.30 6.28 -30.33
C VAL D 73 -37.72 7.51 -29.54
N LYS D 74 -37.27 8.69 -29.96
CA LYS D 74 -37.66 9.92 -29.32
C LYS D 74 -38.25 10.87 -30.37
N ARG D 75 -38.98 11.87 -29.89
CA ARG D 75 -39.64 12.84 -30.74
C ARG D 75 -38.89 14.17 -30.74
N HIS D 76 -39.00 14.90 -31.84
CA HIS D 76 -38.30 16.17 -31.98
C HIS D 76 -39.23 17.17 -32.65
N THR D 77 -38.74 18.40 -32.79
CA THR D 77 -39.41 19.38 -33.64
C THR D 77 -39.01 19.12 -35.09
N PHE D 78 -39.39 20.01 -35.99
CA PHE D 78 -39.05 19.73 -37.39
C PHE D 78 -37.63 20.19 -37.74
N SER D 79 -37.17 21.28 -37.12
CA SER D 79 -35.88 21.85 -37.48
C SER D 79 -34.73 20.95 -37.05
N ASN D 80 -34.76 20.47 -35.80
CA ASN D 80 -33.73 19.55 -35.36
C ASN D 80 -33.87 18.16 -35.96
N TYR D 81 -35.05 17.80 -36.46
CA TYR D 81 -35.19 16.57 -37.23
C TYR D 81 -34.46 16.68 -38.56
N GLN D 82 -34.66 17.80 -39.27
CA GLN D 82 -33.90 18.07 -40.49
C GLN D 82 -32.41 18.19 -40.22
N HIS D 83 -32.03 18.79 -39.08
CA HIS D 83 -30.63 18.96 -38.72
C HIS D 83 -29.96 17.64 -38.41
N GLU D 84 -30.64 16.79 -37.64
CA GLU D 84 -30.07 15.45 -37.31
C GLU D 84 -29.95 14.63 -38.61
N GLU D 85 -30.96 14.67 -39.47
CA GLU D 85 -30.94 13.94 -40.76
C GLU D 85 -29.81 14.44 -41.65
N THR D 86 -29.58 15.76 -41.70
CA THR D 86 -28.56 16.30 -42.59
C THR D 86 -27.15 16.12 -42.04
N ILE D 87 -27.01 15.84 -40.75
CA ILE D 87 -25.70 15.46 -40.25
C ILE D 87 -25.51 13.94 -40.27
N TYR D 88 -26.57 13.16 -40.06
CA TYR D 88 -26.44 11.71 -40.11
C TYR D 88 -26.13 11.22 -41.52
N ASN D 89 -26.63 11.91 -42.54
CA ASN D 89 -26.35 11.51 -43.91
C ASN D 89 -24.92 11.77 -44.32
N LEU D 90 -24.19 12.60 -43.57
CA LEU D 90 -22.77 12.81 -43.80
C LEU D 90 -21.88 11.87 -43.01
N LEU D 91 -22.41 11.21 -41.99
CA LEU D 91 -21.61 10.36 -41.13
C LEU D 91 -21.97 8.89 -41.21
N LYS D 92 -23.02 8.55 -41.97
CA LYS D 92 -23.56 7.17 -41.98
C LYS D 92 -22.51 6.16 -42.41
N ASP D 93 -21.66 6.53 -43.38
CA ASP D 93 -20.68 5.60 -43.91
C ASP D 93 -19.61 5.20 -42.89
N CYS D 94 -19.52 5.91 -41.77
CA CYS D 94 -18.68 5.46 -40.68
C CYS D 94 -19.34 4.28 -39.97
N PRO D 95 -18.64 3.16 -39.78
CA PRO D 95 -19.22 2.03 -39.05
C PRO D 95 -19.27 2.21 -37.54
N ALA D 96 -18.75 3.30 -37.02
CA ALA D 96 -18.83 3.63 -35.60
C ALA D 96 -20.08 4.42 -35.25
N VAL D 97 -20.97 4.62 -36.21
CA VAL D 97 -22.21 5.35 -36.02
C VAL D 97 -23.34 4.34 -35.91
N ALA D 98 -24.18 4.50 -34.91
CA ALA D 98 -25.37 3.66 -34.81
C ALA D 98 -26.37 4.04 -35.89
N LYS D 99 -27.06 3.04 -36.41
CA LYS D 99 -27.99 3.27 -37.50
C LYS D 99 -29.23 3.99 -36.98
N HIS D 100 -29.56 5.10 -37.64
CA HIS D 100 -30.70 5.98 -37.24
C HIS D 100 -31.83 5.87 -38.28
N ASP D 101 -33.07 5.76 -37.81
CA ASP D 101 -34.24 5.70 -38.72
C ASP D 101 -35.08 6.97 -38.48
N PHE D 102 -35.36 7.72 -39.56
CA PHE D 102 -36.16 8.97 -39.44
C PHE D 102 -37.54 8.72 -40.04
N PHE D 103 -38.60 9.05 -39.28
CA PHE D 103 -39.95 8.81 -39.75
C PHE D 103 -40.92 9.71 -39.02
N LYS D 104 -42.08 9.93 -39.66
CA LYS D 104 -43.17 10.79 -39.14
C LYS D 104 -44.39 9.91 -38.83
N PHE D 105 -45.00 10.11 -37.66
CA PHE D 105 -46.11 9.29 -37.17
C PHE D 105 -47.19 10.20 -36.64
N ARG D 106 -48.44 9.94 -37.03
CA ARG D 106 -49.55 10.84 -36.77
C ARG D 106 -50.17 10.51 -35.42
N ILE D 107 -49.84 11.30 -34.41
CA ILE D 107 -50.45 11.13 -33.10
C ILE D 107 -51.37 12.30 -32.80
N MET D 111 -48.88 14.91 -37.23
CA MET D 111 -47.59 14.40 -37.68
C MET D 111 -46.46 14.96 -36.85
N VAL D 112 -45.82 14.10 -36.06
CA VAL D 112 -44.69 14.47 -35.23
C VAL D 112 -43.48 13.70 -35.74
N PRO D 113 -42.36 14.37 -36.03
CA PRO D 113 -41.17 13.65 -36.50
C PRO D 113 -40.47 12.92 -35.37
N HIS D 114 -40.16 11.65 -35.59
CA HIS D 114 -39.47 10.82 -34.62
C HIS D 114 -38.12 10.38 -35.16
N ILE D 115 -37.17 10.18 -34.25
CA ILE D 115 -35.85 9.67 -34.58
C ILE D 115 -35.66 8.37 -33.81
N SER D 116 -35.41 7.28 -34.54
CA SER D 116 -35.28 5.96 -33.95
C SER D 116 -33.85 5.47 -34.10
N ARG D 117 -33.13 5.40 -32.99
CA ARG D 117 -31.82 4.78 -33.00
C ARG D 117 -31.96 3.28 -32.81
N GLN D 118 -31.10 2.53 -33.48
CA GLN D 118 -31.28 1.09 -33.59
C GLN D 118 -30.14 0.33 -32.93
N ARG D 119 -30.52 -0.70 -32.15
CA ARG D 119 -29.61 -1.68 -31.57
C ARG D 119 -28.59 -1.05 -30.62
N LEU D 120 -29.06 -0.14 -29.78
CA LEU D 120 -28.22 0.35 -28.70
C LEU D 120 -28.23 -0.64 -27.55
N THR D 121 -27.30 -0.46 -26.63
CA THR D 121 -27.29 -1.25 -25.41
C THR D 121 -28.22 -0.61 -24.39
N LYS D 122 -28.37 -1.27 -23.24
CA LYS D 122 -29.15 -0.68 -22.16
C LYS D 122 -28.44 0.51 -21.56
N TYR D 123 -27.12 0.43 -21.42
CA TYR D 123 -26.35 1.47 -20.76
C TYR D 123 -25.35 2.07 -21.73
N THR D 124 -25.03 3.34 -21.49
CA THR D 124 -24.04 4.05 -22.28
C THR D 124 -22.68 3.94 -21.61
N MET D 125 -21.68 4.56 -22.21
CA MET D 125 -20.36 4.59 -21.59
C MET D 125 -20.34 5.51 -20.37
N ALA D 126 -21.23 6.50 -20.33
CA ALA D 126 -21.33 7.37 -19.16
C ALA D 126 -21.85 6.62 -17.95
N ASP D 127 -22.69 5.61 -18.15
CA ASP D 127 -23.17 4.82 -17.02
C ASP D 127 -22.07 3.97 -16.42
N LEU D 128 -21.18 3.43 -17.25
CA LEU D 128 -20.03 2.68 -16.76
C LEU D 128 -19.05 3.59 -16.03
N VAL D 129 -18.75 4.75 -16.63
CA VAL D 129 -17.78 5.66 -16.05
C VAL D 129 -18.31 6.26 -14.75
N TYR D 130 -19.60 6.57 -14.69
CA TYR D 130 -20.19 7.07 -13.47
C TYR D 130 -20.29 5.99 -12.40
N ALA D 131 -20.61 4.75 -12.79
CA ALA D 131 -20.75 3.70 -11.82
C ALA D 131 -19.42 3.28 -11.22
N LEU D 132 -18.32 3.51 -11.93
CA LEU D 132 -17.03 3.23 -11.35
C LEU D 132 -16.36 4.45 -10.73
N ARG D 133 -16.82 5.67 -11.02
CA ARG D 133 -16.27 6.87 -10.40
C ARG D 133 -17.14 7.41 -9.28
N HIS D 134 -18.29 6.83 -9.02
CA HIS D 134 -19.14 7.21 -7.91
C HIS D 134 -19.62 5.98 -7.19
N PHE D 135 -18.68 5.11 -6.85
CA PHE D 135 -19.01 3.78 -6.36
C PHE D 135 -19.64 3.83 -4.97
N ASP D 136 -20.66 3.01 -4.78
CA ASP D 136 -21.37 2.93 -3.52
C ASP D 136 -21.76 1.48 -3.31
N GLU D 137 -21.35 0.90 -2.20
CA GLU D 137 -21.81 -0.44 -1.85
C GLU D 137 -23.28 -0.38 -1.42
N GLY D 138 -24.07 -1.32 -1.92
CA GLY D 138 -25.49 -1.31 -1.65
C GLY D 138 -26.30 -0.35 -2.49
N ASN D 139 -25.66 0.46 -3.33
CA ASN D 139 -26.33 1.32 -4.29
C ASN D 139 -25.61 1.21 -5.63
N CYS D 140 -25.41 -0.03 -6.07
CA CYS D 140 -24.64 -0.33 -7.28
C CYS D 140 -25.35 -1.35 -8.15
N ASP D 141 -26.64 -1.12 -8.43
CA ASP D 141 -27.37 -2.05 -9.30
C ASP D 141 -26.91 -1.95 -10.74
N THR D 142 -26.56 -0.74 -11.19
CA THR D 142 -26.17 -0.56 -12.59
C THR D 142 -24.80 -1.19 -12.88
N LEU D 143 -23.86 -1.11 -11.93
CA LEU D 143 -22.57 -1.75 -12.13
C LEU D 143 -22.69 -3.26 -12.15
N LYS D 144 -23.53 -3.82 -11.27
CA LYS D 144 -23.79 -5.25 -11.26
C LYS D 144 -24.45 -5.72 -12.54
N GLU D 145 -25.39 -4.92 -13.06
CA GLU D 145 -26.04 -5.25 -14.32
C GLU D 145 -25.08 -5.20 -15.50
N ILE D 146 -24.14 -4.26 -15.48
CA ILE D 146 -23.13 -4.18 -16.54
C ILE D 146 -22.18 -5.36 -16.44
N LEU D 147 -21.81 -5.77 -15.23
CA LEU D 147 -20.90 -6.90 -15.06
C LEU D 147 -21.56 -8.22 -15.43
N VAL D 148 -22.87 -8.35 -15.21
CA VAL D 148 -23.57 -9.57 -15.56
C VAL D 148 -23.87 -9.63 -17.05
N THR D 149 -24.25 -8.51 -17.65
CA THR D 149 -24.68 -8.49 -19.05
C THR D 149 -23.54 -8.81 -20.00
N TYR D 150 -22.34 -8.29 -19.73
CA TYR D 150 -21.20 -8.52 -20.59
C TYR D 150 -20.28 -9.61 -20.07
N ASN D 151 -20.83 -10.52 -19.25
CA ASN D 151 -20.24 -11.82 -18.91
C ASN D 151 -18.90 -11.69 -18.17
N CYS D 152 -18.75 -10.64 -17.38
CA CYS D 152 -17.55 -10.51 -16.57
C CYS D 152 -17.61 -11.41 -15.36
N CYS D 153 -18.81 -11.61 -14.82
CA CYS D 153 -19.00 -12.53 -13.68
C CYS D 153 -20.46 -12.98 -13.62
N ASP D 154 -20.74 -14.09 -12.93
CA ASP D 154 -22.11 -14.63 -12.78
C ASP D 154 -22.86 -13.82 -11.71
N ASP D 155 -24.19 -13.93 -11.69
CA ASP D 155 -25.06 -13.19 -10.73
C ASP D 155 -24.75 -13.58 -9.28
N ASP D 156 -24.39 -14.86 -9.04
CA ASP D 156 -24.08 -15.40 -7.69
C ASP D 156 -22.75 -14.85 -7.12
N TYR D 157 -21.88 -14.28 -7.96
CA TYR D 157 -20.56 -13.73 -7.55
C TYR D 157 -20.76 -12.60 -6.53
N PHE D 158 -21.80 -11.78 -6.71
CA PHE D 158 -22.12 -10.62 -5.83
C PHE D 158 -22.51 -11.05 -4.40
N ASN D 159 -23.01 -12.28 -4.23
CA ASN D 159 -23.42 -12.80 -2.89
C ASN D 159 -22.22 -12.82 -1.94
N LYS D 160 -21.03 -13.16 -2.43
CA LYS D 160 -19.81 -13.24 -1.57
C LYS D 160 -19.58 -11.88 -0.91
N LYS D 161 -19.29 -11.90 0.40
CA LYS D 161 -19.05 -10.65 1.18
C LYS D 161 -17.76 -9.97 0.69
N ASP D 162 -17.80 -8.64 0.59
CA ASP D 162 -16.66 -7.85 0.12
C ASP D 162 -16.25 -8.25 -1.29
N TRP D 163 -17.22 -8.40 -2.18
CA TRP D 163 -16.90 -8.75 -3.56
C TRP D 163 -16.24 -7.60 -4.28
N TYR D 164 -16.51 -6.38 -3.85
CA TYR D 164 -16.02 -5.15 -4.48
C TYR D 164 -14.65 -4.73 -3.96
N ASP D 165 -14.25 -5.22 -2.80
CA ASP D 165 -13.07 -4.73 -2.10
C ASP D 165 -11.80 -5.18 -2.81
N PHE D 166 -10.94 -4.22 -3.17
CA PHE D 166 -9.70 -4.55 -3.83
C PHE D 166 -8.72 -5.28 -2.92
N VAL D 167 -8.76 -5.00 -1.63
CA VAL D 167 -7.82 -5.59 -0.69
C VAL D 167 -8.28 -6.97 -0.23
N GLU D 168 -9.53 -7.07 0.22
CA GLU D 168 -10.05 -8.35 0.70
C GLU D 168 -10.56 -9.27 -0.40
N ASN D 169 -10.56 -8.82 -1.66
CA ASN D 169 -10.93 -9.68 -2.79
C ASN D 169 -10.27 -9.16 -4.05
N PRO D 170 -9.01 -9.55 -4.30
CA PRO D 170 -8.34 -9.12 -5.53
C PRO D 170 -8.76 -9.85 -6.79
N ASP D 171 -9.75 -10.73 -6.73
CA ASP D 171 -10.35 -11.30 -7.93
C ASP D 171 -11.27 -10.31 -8.65
N ILE D 172 -11.64 -9.21 -8.00
CA ILE D 172 -12.41 -8.17 -8.65
C ILE D 172 -11.60 -7.46 -9.73
N LEU D 173 -10.27 -7.54 -9.67
CA LEU D 173 -9.45 -7.03 -10.75
C LEU D 173 -9.58 -7.89 -12.00
N ARG D 174 -9.69 -9.20 -11.84
CA ARG D 174 -9.97 -10.07 -12.96
C ARG D 174 -11.38 -9.82 -13.52
N VAL D 175 -12.34 -9.61 -12.62
CA VAL D 175 -13.72 -9.33 -13.03
C VAL D 175 -13.80 -8.02 -13.83
N TYR D 176 -13.14 -6.97 -13.34
CA TYR D 176 -13.13 -5.69 -14.06
C TYR D 176 -12.30 -5.77 -15.33
N ALA D 177 -11.25 -6.59 -15.34
CA ALA D 177 -10.42 -6.72 -16.53
C ALA D 177 -11.12 -7.50 -17.62
N ASN D 178 -12.19 -8.22 -17.28
CA ASN D 178 -13.07 -8.76 -18.31
C ASN D 178 -13.81 -7.69 -19.10
N LEU D 179 -13.89 -6.46 -18.59
CA LEU D 179 -14.53 -5.34 -19.28
C LEU D 179 -13.59 -4.57 -20.18
N GLY D 180 -12.30 -4.89 -20.18
CA GLY D 180 -11.33 -4.05 -20.87
C GLY D 180 -11.38 -4.17 -22.38
N GLU D 181 -11.84 -5.29 -22.90
CA GLU D 181 -11.92 -5.44 -24.34
C GLU D 181 -13.07 -4.66 -24.95
N ARG D 182 -14.14 -4.41 -24.20
CA ARG D 182 -15.18 -3.54 -24.71
C ARG D 182 -14.77 -2.08 -24.70
N VAL D 183 -13.92 -1.69 -23.76
CA VAL D 183 -13.48 -0.30 -23.67
C VAL D 183 -12.46 0.02 -24.76
N ARG D 184 -11.63 -0.95 -25.12
CA ARG D 184 -10.66 -0.74 -26.20
C ARG D 184 -11.36 -0.61 -27.54
N GLN D 185 -12.44 -1.36 -27.74
CA GLN D 185 -13.23 -1.22 -28.95
C GLN D 185 -13.97 0.11 -28.98
N ALA D 186 -14.36 0.63 -27.82
CA ALA D 186 -14.97 1.95 -27.75
C ALA D 186 -13.95 3.04 -28.09
N LEU D 187 -12.71 2.89 -27.65
CA LEU D 187 -11.67 3.85 -28.02
C LEU D 187 -11.37 3.83 -29.51
N LEU D 188 -11.31 2.63 -30.10
CA LEU D 188 -11.09 2.50 -31.54
C LEU D 188 -12.23 3.10 -32.33
N LYS D 189 -13.47 2.91 -31.87
CA LYS D 189 -14.60 3.47 -32.59
C LYS D 189 -14.71 4.98 -32.40
N THR D 190 -14.22 5.50 -31.28
CA THR D 190 -14.16 6.95 -31.10
C THR D 190 -13.16 7.57 -32.06
N VAL D 191 -12.02 6.90 -32.29
CA VAL D 191 -11.05 7.43 -33.24
C VAL D 191 -11.60 7.37 -34.67
N GLN D 192 -12.33 6.30 -35.01
CA GLN D 192 -12.99 6.23 -36.31
C GLN D 192 -14.05 7.32 -36.49
N PHE D 193 -14.85 7.57 -35.45
CA PHE D 193 -15.87 8.60 -35.51
C PHE D 193 -15.27 10.00 -35.58
N CYS D 194 -14.14 10.22 -34.92
CA CYS D 194 -13.47 11.52 -35.00
C CYS D 194 -12.89 11.74 -36.39
N ASP D 195 -12.34 10.69 -37.01
CA ASP D 195 -11.88 10.80 -38.38
C ASP D 195 -13.03 11.06 -39.34
N ALA D 196 -14.19 10.44 -39.09
CA ALA D 196 -15.36 10.68 -39.92
C ALA D 196 -15.90 12.09 -39.75
N MET D 197 -15.80 12.65 -38.55
CA MET D 197 -16.25 14.02 -38.35
C MET D 197 -15.30 15.01 -38.98
N ARG D 198 -14.00 14.73 -38.94
CA ARG D 198 -13.03 15.64 -39.53
C ARG D 198 -13.06 15.57 -41.06
N ASN D 199 -13.31 14.39 -41.62
CA ASN D 199 -13.41 14.28 -43.07
C ASN D 199 -14.70 14.83 -43.62
N ALA D 200 -15.73 15.01 -42.79
CA ALA D 200 -17.00 15.57 -43.24
C ALA D 200 -17.15 17.05 -42.89
N GLY D 201 -16.24 17.61 -42.11
CA GLY D 201 -16.32 19.01 -41.74
C GLY D 201 -17.39 19.27 -40.72
N ILE D 202 -17.35 18.56 -39.60
CA ILE D 202 -18.35 18.66 -38.55
C ILE D 202 -17.64 19.03 -37.25
N VAL D 203 -18.14 20.06 -36.57
CA VAL D 203 -17.58 20.51 -35.31
C VAL D 203 -18.56 20.16 -34.20
N GLY D 204 -18.08 19.42 -33.21
CA GLY D 204 -18.95 19.02 -32.11
C GLY D 204 -18.15 18.60 -30.90
N VAL D 205 -18.85 18.43 -29.80
CA VAL D 205 -18.27 17.98 -28.54
C VAL D 205 -18.69 16.54 -28.33
N LEU D 206 -17.72 15.65 -28.18
CA LEU D 206 -18.01 14.26 -27.90
C LEU D 206 -18.16 14.06 -26.40
N THR D 207 -19.28 13.50 -26.00
CA THR D 207 -19.53 13.19 -24.59
C THR D 207 -19.80 11.71 -24.44
N LEU D 208 -19.62 11.21 -23.22
CA LEU D 208 -19.72 9.79 -22.96
C LEU D 208 -21.14 9.27 -22.94
N ASP D 209 -22.13 10.15 -22.79
CA ASP D 209 -23.52 9.71 -22.74
C ASP D 209 -24.10 9.44 -24.12
N ASN D 210 -23.38 9.77 -25.19
CA ASN D 210 -23.82 9.55 -26.56
C ASN D 210 -23.14 8.38 -27.21
N GLN D 211 -22.50 7.52 -26.44
CA GLN D 211 -21.86 6.33 -26.95
C GLN D 211 -22.27 5.17 -26.07
N ASP D 212 -22.77 4.11 -26.69
CA ASP D 212 -23.20 2.97 -25.91
C ASP D 212 -22.03 2.02 -25.66
N LEU D 213 -22.29 0.92 -24.97
CA LEU D 213 -21.24 -0.01 -24.60
C LEU D 213 -20.86 -0.98 -25.72
N ASN D 214 -21.43 -0.82 -26.90
CA ASN D 214 -20.92 -1.48 -28.08
C ASN D 214 -19.97 -0.61 -28.87
N GLY D 215 -19.91 0.69 -28.56
CA GLY D 215 -19.00 1.62 -29.19
C GLY D 215 -19.63 2.56 -30.19
N ASN D 216 -20.93 2.44 -30.44
CA ASN D 216 -21.57 3.25 -31.46
C ASN D 216 -22.01 4.59 -30.90
N TRP D 217 -21.94 5.62 -31.74
CA TRP D 217 -22.32 6.98 -31.39
C TRP D 217 -23.66 7.32 -32.01
N TYR D 218 -24.49 8.09 -31.31
CA TYR D 218 -25.84 8.28 -31.86
C TYR D 218 -26.45 9.67 -31.79
N ASP D 219 -25.97 10.61 -30.97
CA ASP D 219 -26.68 11.87 -30.81
C ASP D 219 -25.94 12.97 -31.56
N PHE D 220 -26.61 13.59 -32.53
CA PHE D 220 -26.00 14.56 -33.43
C PHE D 220 -26.71 15.90 -33.41
N GLY D 221 -27.32 16.24 -32.29
CA GLY D 221 -28.08 17.47 -32.20
C GLY D 221 -27.23 18.71 -32.07
N ASP D 222 -26.13 18.60 -31.32
CA ASP D 222 -25.29 19.75 -31.02
C ASP D 222 -24.15 19.92 -32.02
N PHE D 223 -24.20 19.22 -33.16
CA PHE D 223 -23.13 19.28 -34.13
C PHE D 223 -23.42 20.36 -35.16
N ILE D 224 -22.38 21.05 -35.61
CA ILE D 224 -22.50 22.03 -36.67
C ILE D 224 -21.60 21.62 -37.82
N GLN D 225 -21.76 22.26 -38.96
CA GLN D 225 -21.13 21.85 -40.20
C GLN D 225 -20.15 22.93 -40.69
N THR D 226 -19.00 22.49 -41.18
CA THR D 226 -17.98 23.38 -41.71
C THR D 226 -17.63 22.83 -43.08
N THR D 227 -16.61 23.38 -43.74
CA THR D 227 -16.14 22.82 -45.00
C THR D 227 -15.48 21.46 -44.74
N PRO D 228 -15.70 20.48 -45.62
CA PRO D 228 -15.15 19.13 -45.40
C PRO D 228 -13.64 19.11 -45.46
N GLY D 229 -13.06 18.36 -44.52
CA GLY D 229 -11.64 18.36 -44.27
C GLY D 229 -11.23 19.18 -43.08
N SER D 230 -12.14 19.98 -42.53
CA SER D 230 -11.80 20.95 -41.49
C SER D 230 -12.69 20.78 -40.26
N GLY D 231 -13.08 19.54 -39.96
CA GLY D 231 -13.85 19.30 -38.76
C GLY D 231 -12.98 19.23 -37.53
N VAL D 232 -13.51 19.73 -36.42
CA VAL D 232 -12.82 19.66 -35.14
C VAL D 232 -13.72 19.00 -34.10
N PRO D 233 -13.47 17.75 -33.73
CA PRO D 233 -14.14 17.20 -32.55
C PRO D 233 -13.41 17.57 -31.26
N VAL D 234 -14.20 17.91 -30.24
CA VAL D 234 -13.67 18.27 -28.92
C VAL D 234 -13.78 17.03 -28.03
N VAL D 235 -12.64 16.56 -27.53
CA VAL D 235 -12.63 15.28 -26.82
C VAL D 235 -11.93 15.35 -25.47
N ASP D 236 -11.78 16.55 -24.88
CA ASP D 236 -11.12 16.65 -23.58
C ASP D 236 -11.94 16.02 -22.48
N SER D 237 -13.24 16.34 -22.47
CA SER D 237 -14.11 15.84 -21.42
C SER D 237 -14.33 14.34 -21.53
N TYR D 238 -14.48 13.85 -22.77
CA TYR D 238 -14.68 12.42 -23.03
C TYR D 238 -13.50 11.59 -22.52
N TYR D 239 -12.30 11.88 -23.04
CA TYR D 239 -11.11 11.11 -22.68
C TYR D 239 -10.74 11.31 -21.23
N SER D 240 -10.85 12.53 -20.72
CA SER D 240 -10.38 12.78 -19.37
C SER D 240 -11.31 12.19 -18.32
N LEU D 241 -12.63 12.18 -18.56
CA LEU D 241 -13.52 11.46 -17.67
C LEU D 241 -13.35 9.95 -17.80
N LEU D 242 -13.00 9.47 -19.01
CA LEU D 242 -12.83 8.04 -19.21
C LEU D 242 -11.54 7.47 -18.62
N MET D 243 -10.52 8.29 -18.43
CA MET D 243 -9.16 7.82 -18.14
C MET D 243 -8.95 6.87 -16.95
N PRO D 244 -9.61 6.99 -15.79
CA PRO D 244 -9.34 6.00 -14.73
C PRO D 244 -9.84 4.59 -15.06
N ILE D 245 -10.87 4.49 -15.89
CA ILE D 245 -11.43 3.21 -16.29
C ILE D 245 -10.48 2.44 -17.18
N LEU D 246 -9.58 3.14 -17.87
CA LEU D 246 -8.65 2.49 -18.78
C LEU D 246 -7.63 1.63 -18.05
N THR D 247 -7.20 2.07 -16.88
CA THR D 247 -6.31 1.24 -16.07
C THR D 247 -7.06 0.36 -15.10
N LEU D 248 -8.30 0.71 -14.74
CA LEU D 248 -9.07 -0.20 -13.90
C LEU D 248 -9.49 -1.45 -14.65
N THR D 249 -9.87 -1.30 -15.92
CA THR D 249 -10.31 -2.44 -16.70
C THR D 249 -9.18 -3.07 -17.50
N ARG D 250 -7.97 -2.51 -17.44
CA ARG D 250 -6.79 -2.93 -18.19
C ARG D 250 -7.10 -3.04 -19.69
N ALA D 251 -7.54 -1.91 -20.25
CA ALA D 251 -8.12 -1.92 -21.58
C ALA D 251 -7.10 -2.17 -22.68
N LEU D 252 -5.83 -1.89 -22.44
CA LEU D 252 -4.79 -2.11 -23.44
C LEU D 252 -4.05 -3.41 -23.22
N THR D 253 -4.74 -4.44 -22.72
CA THR D 253 -4.11 -5.74 -22.55
C THR D 253 -3.83 -6.41 -23.88
N ALA D 254 -4.69 -6.16 -24.87
CA ALA D 254 -4.53 -6.78 -26.18
C ALA D 254 -3.30 -6.30 -26.91
N GLU D 255 -2.79 -5.12 -26.57
CA GLU D 255 -1.61 -4.56 -27.23
C GLU D 255 -0.31 -5.26 -26.85
N SER D 256 -0.32 -6.19 -25.91
CA SER D 256 0.87 -6.98 -25.66
C SER D 256 0.84 -8.31 -26.40
N HIS D 257 -0.24 -8.62 -27.09
CA HIS D 257 -0.35 -9.82 -27.90
C HIS D 257 0.03 -9.53 -29.34
N VAL D 258 0.27 -10.60 -30.10
CA VAL D 258 0.68 -10.45 -31.52
C VAL D 258 -0.52 -9.97 -32.34
N ASP D 259 -0.35 -8.86 -33.07
CA ASP D 259 -1.39 -8.23 -33.93
C ASP D 259 -2.61 -7.79 -33.09
N THR D 260 -2.39 -7.38 -31.83
CA THR D 260 -3.45 -6.90 -30.91
C THR D 260 -4.59 -7.94 -30.81
N ASP D 261 -4.27 -9.23 -30.71
CA ASP D 261 -5.30 -10.29 -30.62
C ASP D 261 -5.10 -11.07 -29.32
N LEU D 262 -6.15 -11.20 -28.52
CA LEU D 262 -6.07 -11.93 -27.22
C LEU D 262 -5.74 -13.41 -27.47
N THR D 263 -6.33 -13.99 -28.52
CA THR D 263 -6.12 -15.42 -28.88
C THR D 263 -4.65 -15.68 -29.22
N LYS D 264 -3.99 -14.72 -29.89
CA LYS D 264 -2.57 -14.86 -30.32
C LYS D 264 -1.61 -14.83 -29.13
N PRO D 265 -0.40 -15.39 -29.25
CA PRO D 265 0.59 -15.41 -28.16
C PRO D 265 1.20 -14.02 -27.91
N TYR D 266 1.76 -13.80 -26.71
CA TYR D 266 2.36 -12.53 -26.36
C TYR D 266 3.47 -12.17 -27.34
N ILE D 267 3.78 -10.88 -27.40
CA ILE D 267 4.87 -10.38 -28.22
C ILE D 267 6.18 -10.69 -27.48
N LYS D 268 7.07 -11.42 -28.15
CA LYS D 268 8.40 -11.68 -27.60
C LYS D 268 9.28 -10.48 -27.91
N TRP D 269 9.35 -9.55 -26.98
CA TRP D 269 10.21 -8.39 -27.16
C TRP D 269 11.67 -8.79 -26.98
N ASP D 270 12.55 -7.97 -27.54
CA ASP D 270 13.97 -8.14 -27.29
C ASP D 270 14.27 -7.75 -25.85
N LEU D 271 15.05 -8.59 -25.15
CA LEU D 271 15.39 -8.30 -23.76
C LEU D 271 16.30 -7.10 -23.66
N LEU D 272 17.09 -6.84 -24.69
CA LEU D 272 18.01 -5.71 -24.70
C LEU D 272 17.34 -4.39 -25.01
N LYS D 273 16.06 -4.41 -25.36
CA LYS D 273 15.37 -3.21 -25.80
C LYS D 273 14.82 -2.45 -24.60
N TYR D 274 15.06 -1.15 -24.56
CA TYR D 274 14.54 -0.32 -23.48
C TYR D 274 13.84 0.94 -23.92
N ASP D 275 13.88 1.30 -25.20
CA ASP D 275 13.51 2.67 -25.57
C ASP D 275 12.00 2.84 -25.57
N PHE D 276 11.32 2.15 -26.49
CA PHE D 276 9.85 2.12 -26.62
C PHE D 276 9.24 3.50 -26.85
N THR D 277 9.99 4.42 -27.42
CA THR D 277 9.43 5.74 -27.71
C THR D 277 8.49 5.69 -28.91
N GLU D 278 8.89 4.98 -29.97
CA GLU D 278 8.02 4.85 -31.14
C GLU D 278 6.80 4.00 -30.84
N GLU D 279 6.92 3.03 -29.94
CA GLU D 279 5.76 2.24 -29.53
C GLU D 279 4.78 3.07 -28.72
N ARG D 280 5.29 3.94 -27.85
CA ARG D 280 4.44 4.85 -27.09
C ARG D 280 3.75 5.86 -28.00
N LEU D 281 4.46 6.34 -29.02
CA LEU D 281 3.86 7.28 -29.97
C LEU D 281 2.83 6.59 -30.85
N LYS D 282 3.04 5.33 -31.19
CA LYS D 282 2.08 4.59 -31.99
C LYS D 282 0.83 4.27 -31.18
N LEU D 283 0.99 3.95 -29.89
CA LEU D 283 -0.17 3.72 -29.02
C LEU D 283 -0.98 4.99 -28.81
N PHE D 284 -0.28 6.11 -28.62
CA PHE D 284 -0.97 7.39 -28.50
C PHE D 284 -1.71 7.75 -29.77
N ASP D 285 -1.11 7.47 -30.94
CA ASP D 285 -1.78 7.79 -32.18
C ASP D 285 -2.94 6.84 -32.46
N ARG D 286 -2.89 5.62 -31.95
CA ARG D 286 -4.00 4.71 -32.16
C ARG D 286 -5.18 5.03 -31.27
N TYR D 287 -4.94 5.42 -30.02
CA TYR D 287 -6.06 5.55 -29.09
C TYR D 287 -6.43 6.98 -28.75
N PHE D 288 -5.53 7.94 -28.92
CA PHE D 288 -5.75 9.32 -28.51
C PHE D 288 -5.35 10.26 -29.63
N LYS D 289 -5.83 9.98 -30.84
CA LYS D 289 -5.38 10.70 -32.02
C LYS D 289 -5.82 12.15 -32.03
N TYR D 290 -6.97 12.46 -31.45
CA TYR D 290 -7.51 13.81 -31.50
C TYR D 290 -7.41 14.51 -30.17
N TRP D 291 -6.69 13.94 -29.22
CA TRP D 291 -6.27 14.66 -28.02
C TRP D 291 -5.28 15.74 -28.43
N ASP D 292 -5.60 16.99 -28.10
CA ASP D 292 -4.93 18.12 -28.74
C ASP D 292 -3.67 18.62 -28.02
N GLN D 293 -3.40 18.17 -26.81
CA GLN D 293 -2.17 18.59 -26.14
C GLN D 293 -1.00 17.74 -26.62
N THR D 294 0.19 18.34 -26.61
CA THR D 294 1.40 17.66 -27.02
C THR D 294 1.79 16.60 -26.01
N TYR D 295 2.02 15.38 -26.47
CA TYR D 295 2.48 14.28 -25.63
C TYR D 295 3.96 14.05 -25.88
N HIS D 296 4.76 14.19 -24.83
CA HIS D 296 6.17 13.82 -24.88
C HIS D 296 6.34 12.47 -24.21
N PRO D 297 6.79 11.43 -24.93
CA PRO D 297 7.00 10.13 -24.30
C PRO D 297 8.11 10.13 -23.28
N ASN D 298 9.16 10.90 -23.50
CA ASN D 298 10.19 11.14 -22.50
C ASN D 298 9.92 12.49 -21.86
N CYS D 299 9.72 12.49 -20.55
CA CYS D 299 9.33 13.70 -19.83
C CYS D 299 10.51 14.61 -19.55
N VAL D 300 11.70 14.27 -20.01
CA VAL D 300 12.81 15.22 -19.99
C VAL D 300 12.57 16.35 -20.98
N ASN D 301 11.72 16.12 -21.99
CA ASN D 301 11.40 17.11 -23.00
C ASN D 301 10.10 17.85 -22.71
N CYS D 302 9.71 17.92 -21.44
CA CYS D 302 8.51 18.62 -21.02
C CYS D 302 8.82 20.08 -20.69
N LEU D 303 7.78 20.90 -20.73
CA LEU D 303 7.96 22.34 -20.65
C LEU D 303 7.80 22.90 -19.24
N ASP D 304 7.01 22.27 -18.39
CA ASP D 304 6.86 22.68 -17.00
C ASP D 304 6.35 21.47 -16.21
N ASP D 305 5.94 21.70 -14.96
CA ASP D 305 5.48 20.61 -14.11
C ASP D 305 4.09 20.12 -14.49
N ARG D 306 3.22 21.00 -14.99
CA ARG D 306 1.93 20.57 -15.47
C ARG D 306 2.06 19.72 -16.73
N CYS D 307 3.05 20.02 -17.56
CA CYS D 307 3.33 19.19 -18.72
C CYS D 307 3.89 17.84 -18.32
N ILE D 308 4.70 17.81 -17.25
CA ILE D 308 5.21 16.54 -16.72
C ILE D 308 4.06 15.69 -16.20
N LEU D 309 3.11 16.29 -15.50
CA LEU D 309 1.97 15.54 -14.99
C LEU D 309 1.10 15.01 -16.11
N HIS D 310 0.86 15.84 -17.13
CA HIS D 310 0.06 15.44 -18.27
C HIS D 310 0.69 14.28 -19.03
N CYS D 311 1.99 14.36 -19.28
CA CYS D 311 2.64 13.34 -20.09
C CYS D 311 3.03 12.11 -19.29
N ALA D 312 3.19 12.24 -17.97
CA ALA D 312 3.38 11.08 -17.12
C ALA D 312 2.10 10.33 -16.90
N ASN D 313 0.95 10.98 -17.02
CA ASN D 313 -0.30 10.24 -16.96
C ASN D 313 -0.48 9.32 -18.17
N PHE D 314 0.00 9.72 -19.34
CA PHE D 314 -0.08 8.85 -20.50
C PHE D 314 0.94 7.73 -20.44
N ASN D 315 2.06 7.97 -19.77
CA ASN D 315 3.10 6.94 -19.70
C ASN D 315 2.73 5.82 -18.74
N VAL D 316 1.91 6.07 -17.71
CA VAL D 316 1.54 4.98 -16.82
C VAL D 316 0.53 4.06 -17.47
N LEU D 317 -0.20 4.51 -18.47
CA LEU D 317 -1.08 3.62 -19.21
C LEU D 317 -0.30 2.80 -20.23
N PHE D 318 0.64 3.43 -20.93
CA PHE D 318 1.38 2.73 -21.97
C PHE D 318 2.46 1.83 -21.43
N SER D 319 2.94 2.07 -20.21
CA SER D 319 3.95 1.21 -19.61
C SER D 319 3.41 -0.13 -19.16
N THR D 320 2.09 -0.30 -19.09
CA THR D 320 1.52 -1.59 -18.79
C THR D 320 1.61 -2.56 -19.97
N VAL D 321 1.98 -2.06 -21.14
CA VAL D 321 2.07 -2.86 -22.36
C VAL D 321 3.43 -3.53 -22.47
N PHE D 322 4.45 -2.91 -21.98
CA PHE D 322 5.85 -3.21 -22.23
C PHE D 322 6.38 -4.19 -21.20
N PRO D 323 7.44 -4.95 -21.50
CA PRO D 323 7.93 -5.95 -20.55
C PRO D 323 8.54 -5.33 -19.31
N PRO D 324 8.30 -5.92 -18.13
CA PRO D 324 8.76 -5.29 -16.89
C PRO D 324 10.27 -5.31 -16.68
N THR D 325 11.01 -6.09 -17.46
CA THR D 325 12.47 -6.07 -17.41
C THR D 325 13.07 -4.87 -18.14
N SER D 326 12.26 -4.08 -18.83
CA SER D 326 12.73 -2.90 -19.55
C SER D 326 12.88 -1.70 -18.65
N PHE D 327 12.44 -1.77 -17.40
CA PHE D 327 12.43 -0.62 -16.53
C PHE D 327 13.53 -0.74 -15.50
N GLY D 328 13.78 0.35 -14.79
CA GLY D 328 14.84 0.39 -13.82
C GLY D 328 16.06 1.06 -14.40
N PRO D 329 17.21 0.87 -13.76
CA PRO D 329 18.43 1.51 -14.26
C PRO D 329 18.92 0.91 -15.56
N LEU D 330 19.47 1.77 -16.41
CA LEU D 330 20.11 1.36 -17.65
C LEU D 330 21.61 1.39 -17.43
N VAL D 331 22.28 0.27 -17.66
CA VAL D 331 23.68 0.14 -17.31
C VAL D 331 24.52 0.11 -18.58
N ARG D 332 25.81 0.34 -18.40
CA ARG D 332 26.75 0.53 -19.49
C ARG D 332 28.14 0.23 -18.97
N LYS D 333 28.95 -0.47 -19.76
CA LYS D 333 30.28 -0.85 -19.36
C LYS D 333 31.22 0.34 -19.39
N ILE D 334 31.88 0.61 -18.26
CA ILE D 334 32.71 1.77 -18.06
C ILE D 334 34.08 1.32 -17.58
N PHE D 335 35.14 1.87 -18.16
CA PHE D 335 36.50 1.52 -17.78
C PHE D 335 37.06 2.54 -16.81
N VAL D 336 37.22 2.14 -15.55
CA VAL D 336 37.98 2.89 -14.57
C VAL D 336 39.34 2.24 -14.48
N ASP D 337 40.40 3.06 -14.60
CA ASP D 337 41.85 2.75 -14.66
C ASP D 337 42.18 1.42 -15.35
N GLY D 338 41.60 1.22 -16.53
CA GLY D 338 41.84 0.01 -17.30
C GLY D 338 41.09 -1.21 -16.82
N VAL D 339 40.16 -1.02 -15.87
CA VAL D 339 39.39 -2.17 -15.30
C VAL D 339 37.94 -2.09 -15.80
N PRO D 340 37.37 -3.18 -16.37
CA PRO D 340 35.99 -3.15 -16.84
C PRO D 340 35.08 -2.95 -15.62
N PHE D 341 34.09 -2.07 -15.74
CA PHE D 341 33.18 -1.76 -14.62
C PHE D 341 31.75 -1.61 -15.14
N VAL D 342 30.76 -2.01 -14.34
CA VAL D 342 29.33 -1.85 -14.75
C VAL D 342 28.75 -0.70 -13.93
N VAL D 343 28.26 0.34 -14.60
CA VAL D 343 27.70 1.53 -13.89
C VAL D 343 26.38 1.92 -14.55
N SER D 344 25.53 2.64 -13.81
CA SER D 344 24.24 3.07 -14.32
C SER D 344 24.37 4.43 -14.99
N THR D 345 24.02 4.50 -16.28
CA THR D 345 24.10 5.74 -17.03
C THR D 345 22.73 6.25 -17.44
N GLY D 346 21.68 5.86 -16.72
CA GLY D 346 20.36 6.31 -17.08
C GLY D 346 19.31 5.54 -16.33
N TYR D 347 18.06 5.71 -16.76
CA TYR D 347 16.92 5.10 -16.09
C TYR D 347 15.74 5.11 -17.02
N HIS D 348 15.04 3.99 -17.12
CA HIS D 348 13.79 3.91 -17.87
C HIS D 348 12.66 3.87 -16.87
N PHE D 349 11.92 4.98 -16.77
CA PHE D 349 10.83 5.09 -15.82
C PHE D 349 9.53 4.65 -16.48
N ARG D 350 8.63 4.11 -15.66
CA ARG D 350 7.29 3.81 -16.15
C ARG D 350 6.50 5.09 -16.37
N GLU D 351 6.81 6.14 -15.61
CA GLU D 351 6.08 7.39 -15.66
C GLU D 351 6.79 8.47 -16.46
N LEU D 352 8.12 8.47 -16.49
CA LEU D 352 8.86 9.57 -17.09
C LEU D 352 9.58 9.20 -18.38
N GLY D 353 9.55 7.95 -18.80
CA GLY D 353 10.26 7.56 -19.99
C GLY D 353 11.73 7.33 -19.73
N VAL D 354 12.53 7.44 -20.78
CA VAL D 354 13.98 7.22 -20.70
C VAL D 354 14.65 8.52 -20.30
N VAL D 355 15.45 8.48 -19.24
CA VAL D 355 16.27 9.60 -18.81
C VAL D 355 17.71 9.16 -18.92
N HIS D 356 18.53 9.97 -19.58
CA HIS D 356 19.95 9.68 -19.70
C HIS D 356 20.74 10.63 -18.82
N ASN D 357 21.85 10.14 -18.30
CA ASN D 357 22.75 10.97 -17.51
C ASN D 357 23.64 11.78 -18.43
N GLN D 358 23.98 12.98 -17.99
CA GLN D 358 24.77 13.87 -18.81
C GLN D 358 26.25 13.85 -18.49
N ASP D 359 26.63 13.57 -17.25
CA ASP D 359 28.03 13.52 -16.85
C ASP D 359 28.50 12.08 -16.82
N VAL D 360 28.57 11.50 -18.00
CA VAL D 360 29.00 10.11 -18.18
C VAL D 360 30.39 10.13 -18.77
N ASN D 361 31.37 9.68 -17.99
CA ASN D 361 32.75 9.54 -18.45
C ASN D 361 33.03 8.07 -18.74
N LEU D 362 33.41 7.79 -19.99
CA LEU D 362 33.60 6.41 -20.41
C LEU D 362 34.97 5.87 -19.99
N HIS D 363 35.96 6.74 -19.90
CA HIS D 363 37.30 6.37 -19.44
C HIS D 363 37.72 7.29 -18.31
N SER D 364 38.07 6.70 -17.17
CA SER D 364 38.47 7.45 -15.99
C SER D 364 39.80 6.92 -15.49
N SER D 365 40.60 7.80 -14.88
CA SER D 365 41.92 7.44 -14.39
C SER D 365 41.90 7.10 -12.90
N ARG D 366 41.27 7.95 -12.08
CA ARG D 366 41.19 7.73 -10.65
C ARG D 366 39.73 7.67 -10.23
N LEU D 367 39.50 7.28 -8.99
CA LEU D 367 38.16 7.24 -8.42
C LEU D 367 38.15 8.14 -7.19
N SER D 368 37.57 9.33 -7.33
CA SER D 368 37.39 10.25 -6.21
C SER D 368 36.33 9.72 -5.26
N PHE D 369 36.24 10.36 -4.09
CA PHE D 369 35.38 9.85 -3.02
C PHE D 369 33.90 9.99 -3.37
N LYS D 370 33.52 11.09 -4.03
CA LYS D 370 32.13 11.28 -4.38
C LYS D 370 31.68 10.31 -5.47
N GLU D 371 32.55 10.07 -6.45
CA GLU D 371 32.19 9.13 -7.51
C GLU D 371 32.25 7.69 -6.98
N LEU D 372 33.10 7.43 -5.99
CA LEU D 372 33.13 6.13 -5.35
C LEU D 372 31.88 5.89 -4.52
N LEU D 373 31.37 6.94 -3.88
CA LEU D 373 30.10 6.86 -3.16
C LEU D 373 28.94 6.58 -4.11
N VAL D 374 28.94 7.24 -5.27
CA VAL D 374 27.89 7.02 -6.26
C VAL D 374 27.99 5.62 -6.85
N TYR D 375 29.21 5.12 -7.07
CA TYR D 375 29.36 3.78 -7.62
C TYR D 375 29.08 2.69 -6.60
N ALA D 376 29.23 2.99 -5.31
CA ALA D 376 28.86 2.02 -4.30
C ALA D 376 27.37 2.06 -4.01
N ALA D 377 26.72 3.19 -4.26
CA ALA D 377 25.31 3.30 -3.97
C ALA D 377 24.43 2.59 -4.98
N ASP D 378 24.83 2.55 -6.25
CA ASP D 378 23.86 2.12 -7.24
C ASP D 378 23.77 0.60 -7.31
N PRO D 379 22.61 0.05 -7.69
CA PRO D 379 22.46 -1.40 -7.70
C PRO D 379 23.10 -2.11 -8.89
N ALA D 380 23.82 -1.41 -9.75
CA ALA D 380 24.37 -2.03 -10.95
C ALA D 380 25.47 -3.04 -10.61
N MET D 381 26.43 -2.63 -9.78
CA MET D 381 27.52 -3.52 -9.41
C MET D 381 27.07 -4.61 -8.44
N HIS D 382 26.02 -4.38 -7.67
CA HIS D 382 25.48 -5.42 -6.81
C HIS D 382 24.72 -6.48 -7.61
N ALA D 383 23.83 -6.04 -8.49
CA ALA D 383 23.02 -6.99 -9.24
C ALA D 383 23.77 -7.64 -10.38
N ALA D 384 24.85 -7.02 -10.87
CA ALA D 384 25.63 -7.65 -11.92
C ALA D 384 26.53 -8.75 -11.41
N SER D 385 26.83 -8.76 -10.12
CA SER D 385 27.66 -9.79 -9.52
C SER D 385 26.87 -10.75 -8.63
N GLY D 386 25.55 -10.62 -8.58
CA GLY D 386 24.73 -11.52 -7.81
C GLY D 386 24.22 -12.68 -8.64
N ASN D 387 23.59 -13.62 -7.97
CA ASN D 387 22.97 -14.75 -8.65
C ASN D 387 21.57 -14.37 -9.09
N LEU D 388 21.04 -15.13 -10.03
CA LEU D 388 19.66 -14.97 -10.43
C LEU D 388 18.75 -15.45 -9.29
N LEU D 389 17.61 -14.81 -9.14
CA LEU D 389 16.69 -15.13 -8.07
C LEU D 389 15.30 -15.33 -8.63
N LEU D 390 14.65 -16.43 -8.24
CA LEU D 390 13.26 -16.70 -8.55
C LEU D 390 12.58 -16.95 -7.21
N ASP D 391 12.00 -15.90 -6.63
CA ASP D 391 11.31 -16.01 -5.35
C ASP D 391 9.83 -16.27 -5.63
N LYS D 392 9.37 -17.47 -5.33
CA LYS D 392 7.97 -17.82 -5.48
C LYS D 392 7.13 -17.45 -4.27
N ARG D 393 7.75 -16.84 -3.25
CA ARG D 393 6.99 -16.39 -2.10
C ARG D 393 6.17 -15.14 -2.41
N THR D 394 6.69 -14.27 -3.26
CA THR D 394 6.05 -13.02 -3.59
C THR D 394 5.72 -12.96 -5.09
N THR D 395 4.91 -11.98 -5.45
CA THR D 395 4.64 -11.68 -6.85
C THR D 395 5.39 -10.47 -7.34
N CYS D 396 6.21 -9.86 -6.49
CA CYS D 396 7.02 -8.73 -6.92
C CYS D 396 8.17 -9.22 -7.79
N PHE D 397 8.70 -8.31 -8.59
CA PHE D 397 9.82 -8.63 -9.47
C PHE D 397 11.09 -8.77 -8.63
N SER D 398 11.66 -9.97 -8.63
CA SER D 398 12.93 -10.17 -7.98
C SER D 398 14.06 -10.00 -8.98
N VAL D 399 15.11 -9.30 -8.56
CA VAL D 399 16.21 -8.96 -9.46
C VAL D 399 17.34 -9.96 -9.27
N ALA D 400 17.93 -9.99 -8.10
CA ALA D 400 19.12 -10.78 -7.89
C ALA D 400 19.28 -11.10 -6.42
N ALA D 401 19.76 -12.29 -6.14
CA ALA D 401 20.16 -12.67 -4.79
C ALA D 401 21.62 -12.28 -4.61
N LEU D 402 21.91 -11.50 -3.59
CA LEU D 402 23.26 -10.99 -3.39
C LEU D 402 24.14 -11.93 -2.58
N THR D 403 23.58 -13.01 -2.05
CA THR D 403 24.31 -13.95 -1.22
C THR D 403 23.89 -15.35 -1.66
N ASN D 404 24.65 -16.36 -1.24
CA ASN D 404 24.25 -17.73 -1.54
C ASN D 404 23.10 -18.22 -0.67
N ASN D 405 22.74 -17.49 0.38
CA ASN D 405 21.69 -17.91 1.29
C ASN D 405 20.65 -16.81 1.42
N VAL D 406 19.48 -17.20 1.92
CA VAL D 406 18.38 -16.28 2.20
C VAL D 406 18.32 -16.07 3.71
N ALA D 407 18.20 -14.82 4.13
CA ALA D 407 18.03 -14.51 5.54
C ALA D 407 16.57 -14.56 5.93
N PHE D 408 16.30 -15.20 7.07
CA PHE D 408 14.97 -15.27 7.66
C PHE D 408 15.08 -14.64 9.04
N GLN D 409 14.89 -13.34 9.15
CA GLN D 409 15.00 -12.71 10.46
C GLN D 409 13.65 -12.79 11.18
N THR D 410 13.73 -12.92 12.50
CA THR D 410 12.57 -13.07 13.36
C THR D 410 12.52 -11.90 14.32
N VAL D 411 11.37 -11.73 14.96
CA VAL D 411 11.18 -10.69 15.97
C VAL D 411 10.92 -11.40 17.30
N LYS D 412 11.70 -11.04 18.32
CA LYS D 412 11.53 -11.61 19.64
C LYS D 412 10.30 -11.02 20.31
N PRO D 413 9.79 -11.69 21.35
CA PRO D 413 8.75 -11.05 22.18
C PRO D 413 9.34 -9.96 23.06
N GLY D 414 8.46 -9.24 23.71
CA GLY D 414 8.87 -8.13 24.53
C GLY D 414 9.39 -8.56 25.88
N ASN D 415 10.08 -7.63 26.53
CA ASN D 415 10.59 -7.85 27.89
C ASN D 415 9.52 -7.42 28.87
N PHE D 416 8.97 -8.38 29.60
CA PHE D 416 7.92 -8.10 30.56
C PHE D 416 8.51 -7.38 31.78
N ASN D 417 7.84 -6.31 32.20
CA ASN D 417 8.26 -5.50 33.35
C ASN D 417 7.43 -5.95 34.55
N LYS D 418 7.95 -6.94 35.28
CA LYS D 418 7.18 -7.55 36.35
C LYS D 418 7.05 -6.65 37.57
N ASP D 419 8.01 -5.74 37.76
CA ASP D 419 7.97 -4.83 38.90
C ASP D 419 6.80 -3.87 38.78
N PHE D 420 6.65 -3.24 37.61
CA PHE D 420 5.53 -2.33 37.39
C PHE D 420 4.21 -3.07 37.40
N TYR D 421 4.18 -4.30 36.88
CA TYR D 421 2.93 -5.04 36.82
C TYR D 421 2.48 -5.49 38.19
N ASP D 422 3.40 -5.93 39.04
CA ASP D 422 3.04 -6.29 40.40
C ASP D 422 2.66 -5.07 41.22
N PHE D 423 3.30 -3.94 40.96
CA PHE D 423 2.90 -2.69 41.60
C PHE D 423 1.52 -2.25 41.16
N ALA D 424 1.16 -2.50 39.90
CA ALA D 424 -0.14 -2.06 39.39
C ALA D 424 -1.27 -2.97 39.87
N VAL D 425 -1.05 -4.28 39.91
CA VAL D 425 -2.06 -5.18 40.49
C VAL D 425 -2.17 -4.94 41.99
N SER D 426 -1.07 -4.50 42.63
CA SER D 426 -1.16 -4.09 44.03
C SER D 426 -2.05 -2.87 44.24
N LYS D 427 -2.16 -1.98 43.25
CA LYS D 427 -2.92 -0.76 43.40
C LYS D 427 -4.36 -0.91 42.92
N GLY D 428 -4.79 -2.11 42.56
CA GLY D 428 -6.15 -2.35 42.16
C GLY D 428 -6.43 -2.26 40.68
N PHE D 429 -5.48 -2.61 39.83
CA PHE D 429 -5.68 -2.58 38.40
C PHE D 429 -5.90 -3.99 37.85
N PHE D 430 -6.25 -4.03 36.57
CA PHE D 430 -6.42 -5.26 35.78
C PHE D 430 -7.51 -6.17 36.33
N LYS D 431 -8.49 -5.60 37.01
CA LYS D 431 -9.67 -6.37 37.41
C LYS D 431 -10.54 -6.63 36.20
N GLU D 432 -11.13 -7.82 36.14
CA GLU D 432 -11.90 -8.19 34.97
C GLU D 432 -13.27 -7.53 35.00
N GLY D 433 -13.78 -7.20 33.82
CA GLY D 433 -14.97 -6.41 33.71
C GLY D 433 -14.77 -4.92 33.86
N SER D 434 -13.53 -4.46 33.94
CA SER D 434 -13.21 -3.06 34.10
C SER D 434 -12.73 -2.48 32.77
N SER D 435 -12.56 -1.15 32.76
CA SER D 435 -12.39 -0.44 31.50
C SER D 435 -10.99 -0.63 30.92
N VAL D 436 -9.97 -0.53 31.76
CA VAL D 436 -8.59 -0.51 31.31
C VAL D 436 -8.03 -1.92 31.43
N GLU D 437 -7.58 -2.48 30.32
CA GLU D 437 -6.99 -3.81 30.29
C GLU D 437 -5.75 -3.79 29.42
N LEU D 438 -5.07 -4.93 29.35
CA LEU D 438 -3.87 -5.05 28.53
C LEU D 438 -4.28 -5.40 27.10
N LYS D 439 -3.95 -4.53 26.17
CA LYS D 439 -4.32 -4.73 24.77
C LYS D 439 -3.19 -4.49 23.79
N HIS D 440 -2.05 -3.97 24.24
CA HIS D 440 -0.94 -3.64 23.37
C HIS D 440 0.26 -4.48 23.79
N PHE D 441 0.80 -5.25 22.84
CA PHE D 441 1.86 -6.20 23.13
C PHE D 441 2.93 -6.12 22.06
N PHE D 442 4.06 -6.74 22.34
CA PHE D 442 5.10 -6.98 21.34
C PHE D 442 4.81 -8.33 20.72
N PHE D 443 4.18 -8.33 19.56
CA PHE D 443 3.85 -9.57 18.86
C PHE D 443 5.11 -10.10 18.19
N ALA D 444 5.48 -11.33 18.51
CA ALA D 444 6.64 -11.95 17.89
C ALA D 444 6.32 -12.39 16.47
N GLN D 445 7.36 -12.48 15.65
CA GLN D 445 7.21 -12.82 14.25
C GLN D 445 8.16 -13.95 13.87
N ASP D 446 7.69 -14.83 13.00
CA ASP D 446 8.47 -15.97 12.57
C ASP D 446 9.33 -15.59 11.37
N GLY D 447 9.94 -16.58 10.73
CA GLY D 447 10.92 -16.31 9.69
C GLY D 447 10.38 -15.83 8.36
N ASN D 448 9.08 -15.98 8.12
CA ASN D 448 8.49 -15.55 6.86
C ASN D 448 7.76 -14.23 6.97
N ALA D 449 8.19 -13.35 7.88
CA ALA D 449 7.45 -12.14 8.15
C ALA D 449 7.89 -10.98 7.26
N ALA D 450 9.18 -10.91 6.92
CA ALA D 450 9.67 -9.80 6.13
C ALA D 450 9.18 -9.88 4.68
N ILE D 451 9.20 -11.08 4.10
CA ILE D 451 8.80 -11.18 2.70
C ILE D 451 7.28 -11.16 2.57
N SER D 452 6.55 -11.56 3.62
CA SER D 452 5.10 -11.47 3.54
C SER D 452 4.62 -10.06 3.87
N ASP D 453 5.42 -9.27 4.57
CA ASP D 453 5.12 -7.86 4.65
C ASP D 453 5.47 -7.16 3.35
N TYR D 454 6.53 -7.61 2.68
CA TYR D 454 6.89 -7.03 1.40
C TYR D 454 5.88 -7.37 0.32
N ASP D 455 5.18 -8.48 0.46
CA ASP D 455 4.16 -8.86 -0.50
C ASP D 455 2.94 -7.96 -0.48
N TYR D 456 2.81 -7.05 0.48
CA TYR D 456 1.74 -6.07 0.50
C TYR D 456 1.92 -4.94 -0.50
N TYR D 457 3.00 -4.93 -1.27
CA TYR D 457 3.12 -4.05 -2.42
C TYR D 457 2.40 -4.59 -3.64
N ARG D 458 1.71 -5.71 -3.52
CA ARG D 458 0.74 -6.14 -4.52
C ARG D 458 -0.52 -5.29 -4.51
N TYR D 459 -0.71 -4.44 -3.51
CA TYR D 459 -1.84 -3.54 -3.45
C TYR D 459 -1.59 -2.26 -4.24
N ASN D 460 -0.40 -2.09 -4.79
CA ASN D 460 -0.09 -0.94 -5.62
C ASN D 460 -0.34 -1.29 -7.08
N LEU D 461 -1.28 -0.62 -7.71
CA LEU D 461 -1.63 -0.92 -9.09
C LEU D 461 -1.39 0.28 -9.98
N PRO D 462 -1.01 0.07 -11.24
CA PRO D 462 -0.82 1.20 -12.16
C PRO D 462 -2.15 1.89 -12.44
N THR D 463 -2.21 3.18 -12.13
CA THR D 463 -3.45 3.93 -12.09
C THR D 463 -3.31 5.18 -12.94
N MET D 464 -4.25 5.38 -13.85
CA MET D 464 -4.34 6.60 -14.64
C MET D 464 -5.34 7.53 -13.99
N CYS D 465 -4.96 8.80 -13.83
CA CYS D 465 -5.89 9.76 -13.26
C CYS D 465 -6.65 10.51 -14.33
N ASP D 466 -7.76 11.12 -13.90
CA ASP D 466 -8.43 12.16 -14.65
C ASP D 466 -7.46 13.33 -14.77
N ILE D 467 -6.89 13.56 -15.94
CA ILE D 467 -5.77 14.50 -16.01
C ILE D 467 -6.26 15.96 -15.98
N ARG D 468 -7.45 16.24 -16.51
CA ARG D 468 -7.97 17.59 -16.45
C ARG D 468 -8.43 17.93 -15.04
N GLN D 469 -8.87 16.92 -14.30
CA GLN D 469 -9.24 17.13 -12.90
C GLN D 469 -8.01 17.26 -12.02
N LEU D 470 -6.99 16.45 -12.26
CA LEU D 470 -5.75 16.53 -11.49
C LEU D 470 -5.00 17.82 -11.73
N LEU D 471 -5.03 18.34 -12.96
CA LEU D 471 -4.35 19.60 -13.23
C LEU D 471 -5.04 20.80 -12.59
N PHE D 472 -6.31 20.69 -12.22
CA PHE D 472 -6.97 21.73 -11.44
C PHE D 472 -6.77 21.54 -9.96
N VAL D 473 -6.83 20.29 -9.51
CA VAL D 473 -6.66 19.96 -8.10
C VAL D 473 -5.25 20.30 -7.64
N VAL D 474 -4.26 20.19 -8.53
CA VAL D 474 -2.90 20.56 -8.14
C VAL D 474 -2.76 22.08 -7.95
N GLU D 475 -3.51 22.88 -8.70
CA GLU D 475 -3.46 24.32 -8.51
C GLU D 475 -4.21 24.74 -7.26
N VAL D 476 -5.25 24.01 -6.89
CA VAL D 476 -5.93 24.29 -5.62
C VAL D 476 -5.08 23.86 -4.43
N VAL D 477 -4.41 22.71 -4.53
CA VAL D 477 -3.56 22.20 -3.46
C VAL D 477 -2.34 23.08 -3.26
N ASP D 478 -1.83 23.68 -4.33
CA ASP D 478 -0.71 24.61 -4.21
C ASP D 478 -1.06 25.89 -3.46
N LYS D 479 -2.35 26.21 -3.34
CA LYS D 479 -2.77 27.34 -2.53
C LYS D 479 -2.63 27.05 -1.05
N TYR D 480 -2.68 25.79 -0.65
CA TYR D 480 -2.49 25.42 0.73
C TYR D 480 -1.04 25.49 1.17
N PHE D 481 -0.11 25.69 0.25
CA PHE D 481 1.32 25.70 0.56
C PHE D 481 1.98 27.01 0.18
N ASP D 482 1.19 28.06 -0.03
CA ASP D 482 1.73 29.34 -0.48
C ASP D 482 2.27 30.18 0.65
N CYS D 483 1.92 29.87 1.89
CA CYS D 483 2.40 30.67 3.02
C CYS D 483 3.81 30.32 3.45
N TYR D 484 4.36 29.20 2.98
CA TYR D 484 5.69 28.77 3.38
C TYR D 484 6.72 29.26 2.38
N ASP D 485 7.98 29.23 2.80
CA ASP D 485 9.10 29.53 1.91
C ASP D 485 10.02 28.33 1.82
N GLY D 486 10.68 28.21 0.68
CA GLY D 486 11.57 27.08 0.46
C GLY D 486 12.54 27.40 -0.65
N GLY D 487 13.33 26.40 -1.00
CA GLY D 487 14.38 26.58 -1.98
C GLY D 487 15.64 25.88 -1.55
N CYS D 488 16.63 25.82 -2.43
CA CYS D 488 17.85 25.07 -2.14
C CYS D 488 18.70 25.82 -1.14
N ILE D 489 19.34 25.07 -0.24
CA ILE D 489 20.31 25.62 0.69
C ILE D 489 21.65 24.95 0.41
N ASN D 490 22.70 25.50 1.01
CA ASN D 490 24.02 24.93 0.86
C ASN D 490 24.25 23.86 1.91
N ALA D 491 25.36 23.12 1.76
CA ALA D 491 25.65 22.02 2.67
C ALA D 491 25.98 22.52 4.07
N ASN D 492 26.49 23.73 4.20
CA ASN D 492 26.81 24.26 5.52
C ASN D 492 25.59 24.82 6.24
N GLN D 493 24.44 24.89 5.58
CA GLN D 493 23.20 25.34 6.21
C GLN D 493 22.31 24.18 6.65
N VAL D 494 22.75 22.94 6.49
CA VAL D 494 21.89 21.79 6.72
C VAL D 494 22.02 21.37 8.18
N ILE D 495 20.89 21.31 8.87
CA ILE D 495 20.81 20.82 10.24
C ILE D 495 20.38 19.36 10.20
N VAL D 496 21.16 18.50 10.88
CA VAL D 496 20.85 17.05 10.95
C VAL D 496 20.36 16.74 12.38
N ASN D 497 19.08 16.38 12.51
CA ASN D 497 18.46 16.09 13.83
C ASN D 497 19.19 14.91 14.52
N ASN D 498 19.01 13.70 14.00
CA ASN D 498 19.65 12.51 14.61
C ASN D 498 20.71 11.98 13.64
N LEU D 499 21.98 12.04 14.04
CA LEU D 499 23.06 11.51 13.22
C LEU D 499 23.16 10.00 13.32
N ASP D 500 22.35 9.36 14.16
CA ASP D 500 22.35 7.92 14.32
C ASP D 500 21.20 7.25 13.59
N LYS D 501 20.77 7.82 12.47
CA LYS D 501 19.85 7.10 11.61
C LYS D 501 20.60 6.10 10.76
N SER D 502 19.85 5.24 10.08
CA SER D 502 20.44 4.24 9.19
C SER D 502 21.00 4.91 7.95
N ALA D 503 21.90 4.21 7.26
CA ALA D 503 22.57 4.76 6.09
C ALA D 503 22.23 4.02 4.81
N GLY D 504 21.15 3.24 4.78
CA GLY D 504 20.78 2.53 3.57
C GLY D 504 21.59 1.27 3.43
N PHE D 505 21.44 0.57 2.28
CA PHE D 505 21.97 -0.79 2.21
C PHE D 505 23.50 -0.86 2.20
N PRO D 506 24.23 -0.32 1.20
CA PRO D 506 25.67 -0.62 1.18
C PRO D 506 26.42 0.08 2.28
N PHE D 507 25.87 1.16 2.82
CA PHE D 507 26.59 2.03 3.73
C PHE D 507 26.38 1.66 5.19
N ASN D 508 25.41 0.80 5.51
CA ASN D 508 25.24 0.40 6.90
C ASN D 508 26.27 -0.65 7.33
N LYS D 509 27.03 -1.20 6.39
CA LYS D 509 28.11 -2.10 6.76
C LYS D 509 29.25 -1.36 7.44
N TRP D 510 29.38 -0.06 7.19
CA TRP D 510 30.55 0.68 7.65
C TRP D 510 30.21 1.89 8.50
N GLY D 511 29.01 1.95 9.05
CA GLY D 511 28.69 3.02 9.97
C GLY D 511 27.29 3.56 9.74
N LYS D 512 26.90 4.48 10.61
CA LYS D 512 25.59 5.12 10.56
C LYS D 512 25.70 6.33 9.64
N ALA D 513 24.66 7.18 9.65
CA ALA D 513 24.71 8.40 8.86
C ALA D 513 25.69 9.43 9.39
N ARG D 514 26.15 9.28 10.64
CA ARG D 514 27.11 10.21 11.20
C ARG D 514 28.48 10.09 10.54
N LEU D 515 28.87 8.89 10.13
CA LEU D 515 30.18 8.70 9.53
C LEU D 515 30.27 9.33 8.15
N TYR D 516 29.17 9.35 7.42
CA TYR D 516 29.21 9.89 6.07
C TYR D 516 29.04 11.39 6.04
N TYR D 517 28.56 11.98 7.13
CA TYR D 517 28.56 13.43 7.24
C TYR D 517 29.89 13.94 7.79
N ASP D 518 30.60 13.11 8.56
CA ASP D 518 31.92 13.48 9.04
C ASP D 518 32.99 13.31 7.98
N SER D 519 32.85 12.31 7.12
CA SER D 519 33.83 12.03 6.09
C SER D 519 33.76 13.03 4.94
N MET D 520 32.54 13.32 4.47
CA MET D 520 32.38 14.19 3.32
C MET D 520 32.58 15.65 3.71
N SER D 521 33.32 16.37 2.88
CA SER D 521 33.47 17.80 3.05
C SER D 521 32.17 18.52 2.70
N TYR D 522 32.12 19.81 3.02
CA TYR D 522 31.01 20.63 2.54
C TYR D 522 31.05 20.75 1.03
N GLU D 523 32.24 20.84 0.45
CA GLU D 523 32.37 20.89 -1.00
C GLU D 523 32.01 19.56 -1.64
N ASP D 524 32.28 18.45 -0.95
CA ASP D 524 31.90 17.14 -1.48
C ASP D 524 30.40 16.96 -1.48
N GLN D 525 29.71 17.41 -0.43
CA GLN D 525 28.26 17.34 -0.39
C GLN D 525 27.64 18.29 -1.40
N ASP D 526 28.25 19.45 -1.61
CA ASP D 526 27.76 20.39 -2.62
C ASP D 526 27.93 19.84 -4.03
N ALA D 527 29.05 19.16 -4.30
CA ALA D 527 29.26 18.55 -5.60
C ALA D 527 28.36 17.34 -5.81
N LEU D 528 28.08 16.59 -4.75
CA LEU D 528 27.14 15.48 -4.85
C LEU D 528 25.74 15.98 -5.14
N PHE D 529 25.35 17.10 -4.53
CA PHE D 529 24.03 17.66 -4.79
C PHE D 529 23.93 18.27 -6.18
N ALA D 530 25.00 18.89 -6.67
CA ALA D 530 25.01 19.41 -8.03
C ALA D 530 25.11 18.30 -9.07
N TYR D 531 25.62 17.13 -8.69
CA TYR D 531 25.63 15.98 -9.58
C TYR D 531 24.22 15.44 -9.79
N THR D 532 23.36 15.54 -8.78
CA THR D 532 22.00 15.04 -8.88
C THR D 532 21.07 15.94 -9.64
N LYS D 533 21.48 17.16 -9.96
CA LYS D 533 20.69 18.04 -10.79
C LYS D 533 20.95 17.80 -12.26
N ARG D 534 21.87 16.91 -12.60
CA ARG D 534 22.16 16.54 -13.97
C ARG D 534 22.19 15.04 -14.20
N ASN D 535 22.14 14.23 -13.16
CA ASN D 535 22.23 12.78 -13.29
C ASN D 535 21.22 12.14 -12.35
N VAL D 536 20.89 10.88 -12.66
CA VAL D 536 20.06 10.05 -11.80
C VAL D 536 20.98 9.08 -11.07
N ILE D 537 20.90 9.07 -9.74
CA ILE D 537 21.59 8.05 -8.95
C ILE D 537 20.56 7.12 -8.35
N PRO D 538 20.28 5.96 -8.93
CA PRO D 538 19.33 5.03 -8.31
C PRO D 538 19.98 4.35 -7.12
N THR D 539 19.26 4.30 -6.01
CA THR D 539 19.83 3.72 -4.80
C THR D 539 19.00 2.51 -4.36
N ILE D 540 19.42 1.93 -3.24
CA ILE D 540 18.82 0.72 -2.68
C ILE D 540 18.31 1.04 -1.29
N THR D 541 17.12 0.57 -0.98
CA THR D 541 16.50 0.72 0.33
C THR D 541 16.53 -0.63 1.04
N GLN D 542 16.92 -0.62 2.30
CA GLN D 542 16.93 -1.84 3.10
C GLN D 542 15.71 -1.86 3.99
N MET D 543 14.92 -2.92 3.89
CA MET D 543 13.73 -3.09 4.73
C MET D 543 14.03 -4.13 5.80
N ASN D 544 13.90 -3.72 7.06
CA ASN D 544 14.08 -4.59 8.21
C ASN D 544 12.82 -4.59 9.05
N LEU D 545 12.64 -5.66 9.82
CA LEU D 545 11.51 -5.75 10.73
C LEU D 545 11.76 -4.92 11.98
N LYS D 546 10.68 -4.35 12.51
CA LYS D 546 10.75 -3.41 13.62
C LYS D 546 10.29 -4.09 14.90
N TYR D 547 11.05 -3.86 15.97
CA TYR D 547 10.76 -4.40 17.29
C TYR D 547 9.97 -3.35 18.05
N ALA D 548 8.66 -3.38 17.91
CA ALA D 548 7.80 -2.34 18.47
C ALA D 548 6.52 -2.96 19.01
N ILE D 549 5.84 -2.18 19.83
CA ILE D 549 4.61 -2.57 20.50
C ILE D 549 3.44 -2.21 19.61
N SER D 550 2.42 -3.06 19.58
CA SER D 550 1.28 -2.81 18.72
C SER D 550 0.04 -3.41 19.33
N ALA D 551 -1.11 -3.01 18.82
CA ALA D 551 -2.38 -3.58 19.18
C ALA D 551 -2.86 -4.65 18.22
N LYS D 552 -2.18 -4.82 17.08
CA LYS D 552 -2.55 -5.79 16.08
C LYS D 552 -1.40 -6.74 15.82
N ASN D 553 -1.73 -7.84 15.13
CA ASN D 553 -0.79 -8.93 14.94
C ASN D 553 0.24 -8.64 13.84
N ARG D 554 0.04 -7.58 13.06
CA ARG D 554 0.86 -7.35 11.88
C ARG D 554 2.29 -6.99 12.23
N ALA D 555 3.19 -7.22 11.28
CA ALA D 555 4.60 -6.94 11.45
C ALA D 555 4.91 -5.52 11.02
N ARG D 556 5.77 -4.85 11.77
CA ARG D 556 6.18 -3.50 11.49
C ARG D 556 7.55 -3.51 10.82
N THR D 557 7.73 -2.62 9.85
CA THR D 557 8.99 -2.55 9.13
C THR D 557 9.50 -1.12 9.00
N VAL D 558 10.78 -0.96 9.19
CA VAL D 558 11.50 0.26 8.87
C VAL D 558 12.09 0.12 7.48
N ALA D 559 12.39 1.24 6.86
CA ALA D 559 13.06 1.27 5.57
C ALA D 559 14.24 2.21 5.66
N GLY D 560 15.43 1.69 5.37
CA GLY D 560 16.61 2.53 5.38
C GLY D 560 16.97 3.00 4.00
N VAL D 561 16.76 4.27 3.72
CA VAL D 561 17.15 4.87 2.45
C VAL D 561 18.64 5.20 2.50
N SER D 562 19.31 5.13 1.35
CA SER D 562 20.74 5.35 1.23
C SER D 562 21.13 6.76 1.65
N ILE D 563 22.41 6.91 2.01
CA ILE D 563 22.90 8.18 2.51
C ILE D 563 23.00 9.22 1.40
N CYS D 564 23.18 8.78 0.15
CA CYS D 564 23.21 9.68 -1.00
C CYS D 564 21.86 10.36 -1.18
N SER D 565 20.80 9.56 -1.14
CA SER D 565 19.44 10.05 -1.31
C SER D 565 19.04 11.00 -0.20
N THR D 566 19.27 10.61 1.05
CA THR D 566 18.80 11.44 2.16
C THR D 566 19.63 12.70 2.30
N MET D 567 20.91 12.65 1.91
CA MET D 567 21.76 13.82 1.94
C MET D 567 21.31 14.86 0.91
N THR D 568 21.13 14.44 -0.34
CA THR D 568 20.71 15.41 -1.35
C THR D 568 19.25 15.82 -1.17
N ASN D 569 18.41 14.97 -0.58
CA ASN D 569 17.04 15.37 -0.32
C ASN D 569 16.94 16.36 0.81
N ARG D 570 17.78 16.25 1.84
CA ARG D 570 17.84 17.28 2.87
C ARG D 570 18.27 18.60 2.28
N GLN D 571 19.26 18.57 1.39
CA GLN D 571 19.71 19.80 0.76
C GLN D 571 18.65 20.42 -0.16
N PHE D 572 17.81 19.59 -0.78
CA PHE D 572 16.77 20.10 -1.65
C PHE D 572 15.52 20.55 -0.90
N HIS D 573 15.19 19.92 0.23
CA HIS D 573 13.88 20.11 0.84
C HIS D 573 13.86 20.71 2.23
N GLN D 574 15.00 20.88 2.90
CA GLN D 574 14.97 21.17 4.34
C GLN D 574 14.41 22.55 4.65
N LYS D 575 14.64 23.55 3.80
CA LYS D 575 14.10 24.87 4.06
C LYS D 575 12.59 24.89 4.08
N LEU D 576 11.97 24.21 3.11
CA LEU D 576 10.52 24.13 3.07
C LEU D 576 9.98 23.28 4.22
N LEU D 577 10.64 22.17 4.54
CA LEU D 577 10.12 21.31 5.61
C LEU D 577 10.25 21.97 6.97
N LYS D 578 11.34 22.70 7.22
CA LYS D 578 11.46 23.45 8.45
C LYS D 578 10.50 24.62 8.50
N SER D 579 10.16 25.20 7.35
CA SER D 579 9.18 26.29 7.36
C SER D 579 7.76 25.79 7.56
N ILE D 580 7.43 24.58 7.09
CA ILE D 580 6.13 23.99 7.38
C ILE D 580 6.05 23.59 8.85
N ALA D 581 7.12 23.01 9.39
CA ALA D 581 7.12 22.58 10.78
C ALA D 581 7.18 23.72 11.79
N ALA D 582 7.39 24.96 11.36
CA ALA D 582 7.45 26.10 12.26
C ALA D 582 6.23 26.99 12.18
N THR D 583 5.32 26.74 11.25
CA THR D 583 4.17 27.60 11.02
C THR D 583 2.99 27.16 11.88
N ARG D 584 2.45 28.08 12.64
CA ARG D 584 1.25 27.84 13.43
C ARG D 584 0.04 28.47 12.76
N GLY D 585 -1.10 27.81 12.89
CA GLY D 585 -2.33 28.32 12.37
C GLY D 585 -2.65 27.96 10.95
N ALA D 586 -1.84 27.11 10.32
CA ALA D 586 -2.06 26.71 8.94
C ALA D 586 -2.94 25.46 8.89
N THR D 587 -3.04 24.86 7.73
CA THR D 587 -3.80 23.62 7.53
C THR D 587 -2.97 22.40 7.88
N VAL D 588 -1.72 22.36 7.44
CA VAL D 588 -0.81 21.28 7.81
C VAL D 588 -0.24 21.58 9.19
N VAL D 589 -0.51 20.69 10.14
CA VAL D 589 -0.13 20.91 11.52
C VAL D 589 1.06 20.05 11.93
N ILE D 590 1.86 19.61 10.95
CA ILE D 590 3.12 18.95 11.25
C ILE D 590 4.03 19.93 11.96
N GLY D 591 4.58 19.53 13.09
CA GLY D 591 5.49 20.36 13.83
C GLY D 591 4.87 21.13 14.95
N THR D 592 3.55 21.22 15.02
CA THR D 592 2.87 21.88 16.11
C THR D 592 2.75 20.91 17.27
N SER D 593 3.28 21.32 18.42
CA SER D 593 3.21 20.49 19.61
C SER D 593 1.82 20.55 20.22
N LYS D 594 1.38 19.44 20.78
CA LYS D 594 0.11 19.39 21.50
C LYS D 594 0.22 19.96 22.89
N PHE D 595 1.41 20.22 23.37
CA PHE D 595 1.62 20.74 24.71
C PHE D 595 1.48 22.25 24.72
N TYR D 596 1.40 22.79 25.94
CA TYR D 596 1.37 24.23 26.22
C TYR D 596 0.19 24.93 25.55
N GLY D 597 -0.94 24.24 25.47
CA GLY D 597 -2.09 24.79 24.81
C GLY D 597 -2.06 24.70 23.31
N GLY D 598 -1.26 23.80 22.74
CA GLY D 598 -1.23 23.67 21.30
C GLY D 598 -2.39 22.87 20.74
N TRP D 599 -2.93 21.94 21.50
CA TRP D 599 -4.11 21.19 21.09
C TRP D 599 -5.33 22.11 20.99
N HIS D 600 -5.48 22.99 21.97
CA HIS D 600 -6.57 23.95 21.96
C HIS D 600 -6.44 24.94 20.81
N ASN D 601 -5.22 25.40 20.52
CA ASN D 601 -5.01 26.32 19.41
C ASN D 601 -5.27 25.66 18.07
N MET D 602 -4.85 24.40 17.93
CA MET D 602 -5.11 23.64 16.72
C MET D 602 -6.61 23.47 16.50
N LEU D 603 -7.34 23.09 17.54
CA LEU D 603 -8.77 22.88 17.38
C LEU D 603 -9.54 24.18 17.17
N LYS D 604 -9.12 25.28 17.79
CA LYS D 604 -9.78 26.55 17.50
C LYS D 604 -9.41 27.09 16.13
N THR D 605 -8.27 26.66 15.56
CA THR D 605 -7.97 26.98 14.18
C THR D 605 -8.86 26.20 13.21
N VAL D 606 -9.20 24.95 13.54
CA VAL D 606 -10.04 24.17 12.62
C VAL D 606 -11.47 24.68 12.61
N TYR D 607 -12.03 24.98 13.78
CA TYR D 607 -13.39 25.60 13.80
C TYR D 607 -13.12 27.09 13.56
N SER D 608 -12.89 27.46 12.30
CA SER D 608 -12.48 28.85 12.08
C SER D 608 -13.69 29.77 12.07
N ASP D 609 -14.54 29.66 11.07
CA ASP D 609 -15.81 30.35 11.03
C ASP D 609 -16.87 29.51 10.33
N VAL D 610 -16.75 28.18 10.41
CA VAL D 610 -17.68 27.29 9.74
C VAL D 610 -19.04 27.39 10.41
N GLU D 611 -20.09 27.51 9.60
CA GLU D 611 -21.34 28.07 10.07
C GLU D 611 -22.36 27.07 10.58
N ASN D 612 -22.44 25.88 9.99
CA ASN D 612 -23.29 24.81 10.51
C ASN D 612 -22.43 23.59 10.77
N PRO D 613 -21.56 23.64 11.77
CA PRO D 613 -20.38 22.78 11.75
C PRO D 613 -20.64 21.39 12.32
N HIS D 614 -20.09 20.40 11.62
CA HIS D 614 -19.85 19.07 12.16
C HIS D 614 -18.37 18.76 11.98
N LEU D 615 -17.91 17.73 12.65
CA LEU D 615 -16.55 17.25 12.49
C LEU D 615 -16.57 15.92 11.77
N MET D 616 -15.45 15.58 11.14
CA MET D 616 -15.40 14.41 10.29
C MET D 616 -13.97 13.95 10.17
N GLY D 617 -13.76 12.64 10.27
CA GLY D 617 -12.48 12.05 9.98
C GLY D 617 -12.65 10.83 9.12
N TRP D 618 -11.59 10.48 8.40
CA TRP D 618 -11.57 9.32 7.53
C TRP D 618 -10.20 8.71 7.61
N ASP D 619 -10.07 7.49 7.09
CA ASP D 619 -8.77 6.85 6.99
C ASP D 619 -8.47 6.50 5.55
N TYR D 620 -7.19 6.28 5.29
CA TYR D 620 -6.75 5.74 4.02
C TYR D 620 -6.30 4.31 4.25
N PRO D 621 -7.03 3.31 3.77
CA PRO D 621 -6.59 1.92 3.94
C PRO D 621 -5.39 1.63 3.06
N LYS D 622 -4.36 1.02 3.67
CA LYS D 622 -3.11 0.61 3.02
C LYS D 622 -2.44 1.79 2.31
N CYS D 623 -2.31 2.89 3.02
CA CYS D 623 -1.90 4.15 2.41
C CYS D 623 -0.44 4.11 1.96
N ASP D 624 0.42 3.44 2.73
CA ASP D 624 1.82 3.35 2.36
C ASP D 624 2.04 2.46 1.16
N ARG D 625 1.17 1.48 0.96
CA ARG D 625 1.30 0.53 -0.13
C ARG D 625 0.56 0.95 -1.38
N ALA D 626 -0.70 1.35 -1.23
CA ALA D 626 -1.60 1.48 -2.37
C ALA D 626 -1.60 2.88 -2.97
N MET D 627 -0.72 3.77 -2.54
CA MET D 627 -0.70 5.13 -3.05
C MET D 627 -0.22 5.15 -4.50
N PRO D 628 -0.98 5.70 -5.44
CA PRO D 628 -0.56 5.67 -6.84
C PRO D 628 0.66 6.53 -7.11
N ASN D 629 1.37 6.18 -8.17
CA ASN D 629 2.62 6.87 -8.47
C ASN D 629 2.37 8.25 -9.04
N MET D 630 1.22 8.47 -9.67
CA MET D 630 0.89 9.79 -10.19
C MET D 630 0.68 10.78 -9.07
N LEU D 631 0.07 10.36 -7.96
CA LEU D 631 -0.13 11.26 -6.84
C LEU D 631 1.14 11.50 -6.05
N ARG D 632 2.07 10.54 -6.02
CA ARG D 632 3.35 10.77 -5.39
C ARG D 632 4.22 11.71 -6.21
N ILE D 633 4.16 11.59 -7.54
CA ILE D 633 4.84 12.53 -8.42
C ILE D 633 4.24 13.93 -8.29
N MET D 634 2.91 14.00 -8.14
CA MET D 634 2.24 15.27 -7.92
C MET D 634 2.67 15.92 -6.61
N ALA D 635 2.78 15.13 -5.55
CA ALA D 635 3.22 15.65 -4.26
C ALA D 635 4.64 16.17 -4.32
N SER D 636 5.51 15.47 -5.06
CA SER D 636 6.88 15.94 -5.24
C SER D 636 6.95 17.22 -6.06
N LEU D 637 6.09 17.37 -7.07
CA LEU D 637 6.10 18.59 -7.86
C LEU D 637 5.56 19.77 -7.07
N VAL D 638 4.58 19.54 -6.20
CA VAL D 638 4.08 20.59 -5.31
C VAL D 638 5.18 21.03 -4.36
N LEU D 639 5.95 20.08 -3.81
CA LEU D 639 7.03 20.44 -2.91
C LEU D 639 8.19 21.11 -3.66
N ALA D 640 8.36 20.80 -4.94
CA ALA D 640 9.42 21.40 -5.74
C ALA D 640 9.04 22.73 -6.36
N ARG D 641 7.79 23.16 -6.24
CA ARG D 641 7.39 24.47 -6.75
C ARG D 641 8.00 25.65 -5.99
N LYS D 642 8.70 25.42 -4.87
CA LYS D 642 9.43 26.46 -4.16
C LYS D 642 10.82 26.72 -4.72
N HIS D 643 11.09 26.29 -5.94
CA HIS D 643 12.45 26.31 -6.49
C HIS D 643 12.53 27.11 -7.77
N THR D 644 11.69 28.14 -7.91
CA THR D 644 11.62 28.88 -9.17
C THR D 644 12.85 29.75 -9.39
N THR D 645 13.49 30.18 -8.32
CA THR D 645 14.68 31.01 -8.45
C THR D 645 15.97 30.19 -8.51
N CYS D 646 16.10 29.21 -7.64
CA CYS D 646 17.37 28.53 -7.45
C CYS D 646 17.61 27.39 -8.42
N CYS D 647 16.57 26.89 -9.08
CA CYS D 647 16.71 25.74 -9.97
C CYS D 647 16.17 26.09 -11.35
N SER D 648 16.82 25.56 -12.37
CA SER D 648 16.25 25.63 -13.70
C SER D 648 15.24 24.51 -13.89
N LEU D 649 14.64 24.46 -15.08
CA LEU D 649 13.65 23.44 -15.39
C LEU D 649 14.29 22.06 -15.51
N SER D 650 15.50 22.00 -16.06
CA SER D 650 16.22 20.74 -16.18
C SER D 650 16.68 20.24 -14.82
N HIS D 651 17.13 21.15 -13.95
CA HIS D 651 17.54 20.78 -12.60
C HIS D 651 16.39 20.20 -11.81
N ARG D 652 15.21 20.82 -11.94
CA ARG D 652 14.03 20.33 -11.25
C ARG D 652 13.54 19.01 -11.82
N PHE D 653 13.70 18.79 -13.13
CA PHE D 653 13.36 17.49 -13.68
C PHE D 653 14.27 16.41 -13.16
N TYR D 654 15.58 16.69 -13.07
CA TYR D 654 16.48 15.66 -12.59
C TYR D 654 16.32 15.41 -11.10
N ARG D 655 15.88 16.42 -10.36
CA ARG D 655 15.56 16.20 -8.96
C ARG D 655 14.30 15.33 -8.81
N LEU D 656 13.31 15.56 -9.66
CA LEU D 656 12.13 14.69 -9.69
C LEU D 656 12.50 13.27 -10.10
N ALA D 657 13.39 13.12 -11.07
CA ALA D 657 13.80 11.81 -11.53
C ALA D 657 14.60 11.06 -10.48
N ASN D 658 15.41 11.78 -9.72
CA ASN D 658 16.15 11.16 -8.63
C ASN D 658 15.23 10.74 -7.50
N GLU D 659 14.20 11.53 -7.22
CA GLU D 659 13.26 11.13 -6.18
C GLU D 659 12.43 9.93 -6.61
N CYS D 660 12.06 9.87 -7.88
CA CYS D 660 11.36 8.68 -8.40
C CYS D 660 12.26 7.46 -8.41
N ALA D 661 13.55 7.62 -8.69
CA ALA D 661 14.44 6.47 -8.70
C ALA D 661 14.92 6.08 -7.31
N GLN D 662 14.73 6.92 -6.32
CA GLN D 662 15.27 6.65 -5.00
C GLN D 662 14.24 6.34 -3.93
N VAL D 663 13.03 6.91 -3.97
CA VAL D 663 12.02 6.63 -2.95
C VAL D 663 10.72 6.11 -3.53
N LEU D 664 10.58 6.02 -4.85
CA LEU D 664 9.32 5.57 -5.43
C LEU D 664 9.45 4.22 -6.12
N SER D 665 10.32 4.09 -7.10
CA SER D 665 10.53 2.83 -7.79
C SER D 665 11.92 2.26 -7.48
N GLU D 666 12.33 2.42 -6.23
CA GLU D 666 13.61 1.97 -5.72
C GLU D 666 13.74 0.45 -5.80
N MET D 667 14.97 -0.03 -5.76
CA MET D 667 15.22 -1.43 -5.51
C MET D 667 15.33 -1.64 -4.01
N VAL D 668 14.70 -2.71 -3.52
CA VAL D 668 14.58 -2.94 -2.09
C VAL D 668 15.38 -4.17 -1.72
N MET D 669 16.36 -4.00 -0.84
CA MET D 669 17.05 -5.11 -0.23
C MET D 669 16.19 -5.66 0.90
N CYS D 670 15.64 -6.85 0.73
CA CYS D 670 14.76 -7.45 1.72
C CYS D 670 15.23 -8.88 1.98
N GLY D 671 16.02 -9.07 3.02
CA GLY D 671 16.48 -10.39 3.39
C GLY D 671 17.53 -10.97 2.48
N GLY D 672 18.56 -10.19 2.15
CA GLY D 672 19.65 -10.68 1.33
C GLY D 672 19.38 -10.69 -0.16
N SER D 673 18.25 -10.15 -0.60
CA SER D 673 17.85 -10.25 -1.99
C SER D 673 17.38 -8.90 -2.48
N LEU D 674 17.43 -8.70 -3.79
CA LEU D 674 17.03 -7.45 -4.41
C LEU D 674 15.70 -7.63 -5.12
N TYR D 675 14.77 -6.74 -4.85
CA TYR D 675 13.43 -6.74 -5.44
C TYR D 675 13.17 -5.40 -6.08
N VAL D 676 12.12 -5.34 -6.88
CA VAL D 676 11.66 -4.10 -7.47
C VAL D 676 10.42 -3.66 -6.71
N LYS D 677 10.46 -2.45 -6.19
CA LYS D 677 9.30 -1.86 -5.53
C LYS D 677 8.37 -1.26 -6.57
N PRO D 678 7.07 -1.55 -6.54
CA PRO D 678 6.16 -0.96 -7.53
C PRO D 678 5.84 0.48 -7.26
N GLY D 679 6.10 0.98 -6.08
CA GLY D 679 5.73 2.31 -5.68
C GLY D 679 5.19 2.27 -4.28
N GLY D 680 4.61 3.37 -3.86
CA GLY D 680 4.27 3.57 -2.47
C GLY D 680 5.36 4.34 -1.77
N THR D 681 5.02 4.82 -0.58
CA THR D 681 5.95 5.65 0.16
C THR D 681 6.94 4.78 0.93
N SER D 682 8.05 5.38 1.31
CA SER D 682 9.04 4.73 2.14
C SER D 682 9.01 5.35 3.52
N SER D 683 8.88 4.50 4.54
CA SER D 683 8.67 4.97 5.90
C SER D 683 9.92 5.47 6.59
N GLY D 684 11.06 5.53 5.90
CA GLY D 684 12.28 6.01 6.51
C GLY D 684 12.73 7.35 5.95
N ASP D 685 12.18 7.71 4.79
CA ASP D 685 12.40 9.04 4.23
C ASP D 685 11.67 10.07 5.08
N ALA D 686 12.34 11.19 5.34
CA ALA D 686 11.75 12.22 6.19
C ALA D 686 10.72 13.06 5.45
N THR D 687 10.72 13.03 4.12
CA THR D 687 9.76 13.76 3.30
C THR D 687 8.42 13.02 3.21
N THR D 688 8.31 11.83 3.81
CA THR D 688 7.12 11.00 3.65
C THR D 688 5.91 11.61 4.34
N ALA D 689 6.09 12.24 5.51
CA ALA D 689 4.97 12.85 6.20
C ALA D 689 4.43 14.05 5.44
N TYR D 690 5.31 14.83 4.83
CA TYR D 690 4.90 16.00 4.09
C TYR D 690 4.28 15.63 2.75
N ALA D 691 4.82 14.61 2.09
CA ALA D 691 4.20 14.10 0.88
C ALA D 691 2.85 13.46 1.16
N ASN D 692 2.70 12.82 2.32
CA ASN D 692 1.41 12.30 2.73
C ASN D 692 0.42 13.41 3.01
N SER D 693 0.89 14.55 3.52
CA SER D 693 -0.02 15.68 3.72
C SER D 693 -0.48 16.28 2.39
N VAL D 694 0.43 16.38 1.42
CA VAL D 694 0.04 16.86 0.09
C VAL D 694 -0.97 15.91 -0.54
N PHE D 695 -0.74 14.61 -0.41
CA PHE D 695 -1.66 13.61 -0.94
C PHE D 695 -3.01 13.66 -0.25
N ASN D 696 -3.01 13.92 1.05
CA ASN D 696 -4.24 14.04 1.83
C ASN D 696 -5.07 15.22 1.37
N ILE D 697 -4.43 16.37 1.19
CA ILE D 697 -5.13 17.56 0.71
C ILE D 697 -5.62 17.35 -0.72
N CYS D 698 -4.85 16.63 -1.54
CA CYS D 698 -5.26 16.32 -2.89
C CYS D 698 -6.51 15.46 -2.93
N GLN D 699 -6.58 14.42 -2.10
CA GLN D 699 -7.75 13.56 -2.08
C GLN D 699 -8.97 14.29 -1.53
N ALA D 700 -8.77 15.18 -0.57
CA ALA D 700 -9.90 15.95 -0.06
C ALA D 700 -10.41 16.99 -1.06
N VAL D 701 -9.50 17.61 -1.81
CA VAL D 701 -9.91 18.60 -2.81
C VAL D 701 -10.61 17.91 -3.98
N THR D 702 -10.13 16.74 -4.40
CA THR D 702 -10.85 16.06 -5.48
C THR D 702 -12.15 15.43 -5.01
N ALA D 703 -12.29 15.10 -3.72
CA ALA D 703 -13.58 14.71 -3.19
C ALA D 703 -14.55 15.88 -3.20
N ASN D 704 -14.07 17.08 -2.92
CA ASN D 704 -14.95 18.25 -2.97
C ASN D 704 -15.32 18.62 -4.40
N VAL D 705 -14.39 18.45 -5.35
CA VAL D 705 -14.69 18.69 -6.76
C VAL D 705 -15.68 17.68 -7.29
N ASN D 706 -15.54 16.41 -6.89
CA ASN D 706 -16.49 15.39 -7.32
C ASN D 706 -17.84 15.52 -6.64
N ALA D 707 -17.87 16.07 -5.43
CA ALA D 707 -19.16 16.33 -4.80
C ALA D 707 -19.85 17.51 -5.47
N LEU D 708 -19.10 18.52 -5.87
CA LEU D 708 -19.72 19.69 -6.47
C LEU D 708 -20.11 19.46 -7.92
N LEU D 709 -19.39 18.62 -8.65
CA LEU D 709 -19.72 18.41 -10.05
C LEU D 709 -20.74 17.31 -10.28
N SER D 710 -21.01 16.47 -9.29
CA SER D 710 -22.01 15.43 -9.43
C SER D 710 -23.35 15.79 -8.81
N THR D 711 -23.52 17.04 -8.42
CA THR D 711 -24.79 17.52 -7.90
C THR D 711 -25.60 18.10 -9.05
N ASP D 712 -26.89 17.78 -9.08
CA ASP D 712 -27.81 18.39 -10.02
C ASP D 712 -27.90 19.88 -9.76
N GLY D 713 -27.42 20.69 -10.71
CA GLY D 713 -27.38 22.13 -10.50
C GLY D 713 -28.72 22.80 -10.63
N ASN D 714 -29.71 22.12 -11.18
CA ASN D 714 -31.04 22.69 -11.29
C ASN D 714 -31.72 22.79 -9.94
N LYS D 715 -31.32 21.96 -8.97
CA LYS D 715 -31.88 22.00 -7.63
C LYS D 715 -30.90 22.53 -6.60
N ILE D 716 -29.94 23.34 -7.03
CA ILE D 716 -29.10 24.13 -6.13
C ILE D 716 -29.74 25.51 -6.04
N ALA D 717 -30.25 25.84 -4.87
CA ALA D 717 -30.99 27.09 -4.73
C ALA D 717 -30.07 28.30 -4.70
N ASP D 718 -28.87 28.16 -4.16
CA ASP D 718 -27.94 29.29 -4.05
C ASP D 718 -27.35 29.62 -5.41
N LYS D 719 -27.43 30.88 -5.80
CA LYS D 719 -26.91 31.26 -7.12
C LYS D 719 -25.41 31.33 -7.16
N TYR D 720 -24.78 31.66 -6.03
CA TYR D 720 -23.32 31.68 -5.99
C TYR D 720 -22.74 30.28 -6.15
N VAL D 721 -23.37 29.28 -5.54
CA VAL D 721 -22.84 27.92 -5.62
C VAL D 721 -23.13 27.32 -6.99
N ARG D 722 -24.26 27.67 -7.61
CA ARG D 722 -24.56 27.20 -8.96
C ARG D 722 -23.59 27.81 -9.97
N ASN D 723 -23.28 29.10 -9.80
CA ASN D 723 -22.28 29.73 -10.65
C ASN D 723 -20.89 29.16 -10.40
N LEU D 724 -20.62 28.74 -9.16
CA LEU D 724 -19.35 28.14 -8.83
C LEU D 724 -19.18 26.77 -9.48
N GLN D 725 -20.23 25.95 -9.53
CA GLN D 725 -20.05 24.67 -10.20
C GLN D 725 -20.01 24.85 -11.72
N HIS D 726 -20.67 25.90 -12.23
CA HIS D 726 -20.61 26.14 -13.66
C HIS D 726 -19.23 26.60 -14.08
N ARG D 727 -18.55 27.38 -13.25
CA ARG D 727 -17.19 27.74 -13.55
C ARG D 727 -16.22 26.61 -13.24
N LEU D 728 -16.57 25.74 -12.29
CA LEU D 728 -15.71 24.60 -11.95
C LEU D 728 -15.60 23.61 -13.10
N TYR D 729 -16.73 23.34 -13.76
CA TYR D 729 -16.70 22.43 -14.91
C TYR D 729 -15.87 23.00 -16.05
N GLU D 730 -15.98 24.29 -16.32
CA GLU D 730 -15.23 24.83 -17.44
C GLU D 730 -13.77 25.09 -17.08
N CYS D 731 -13.45 25.22 -15.80
CA CYS D 731 -12.04 25.28 -15.43
C CYS D 731 -11.39 23.91 -15.47
N LEU D 732 -12.16 22.84 -15.29
CA LEU D 732 -11.58 21.52 -15.49
C LEU D 732 -11.45 21.18 -16.97
N TYR D 733 -12.57 21.14 -17.69
CA TYR D 733 -12.62 20.48 -18.98
C TYR D 733 -12.64 21.39 -20.19
N ARG D 734 -12.89 22.69 -20.01
CA ARG D 734 -13.03 23.57 -21.16
C ARG D 734 -11.86 24.50 -21.36
N ASN D 735 -11.19 24.92 -20.29
CA ASN D 735 -10.02 25.76 -20.39
C ASN D 735 -8.78 24.94 -20.09
N ARG D 736 -7.69 25.28 -20.77
CA ARG D 736 -6.43 24.59 -20.55
C ARG D 736 -5.36 25.46 -19.90
N ASP D 737 -5.63 26.75 -19.73
CA ASP D 737 -4.82 27.62 -18.92
C ASP D 737 -5.30 27.57 -17.47
N VAL D 738 -4.52 28.14 -16.58
CA VAL D 738 -4.92 28.24 -15.18
C VAL D 738 -5.69 29.54 -15.00
N ASP D 739 -6.98 29.43 -14.73
CA ASP D 739 -7.77 30.59 -14.28
C ASP D 739 -7.33 30.87 -12.85
N THR D 740 -6.40 31.79 -12.70
CA THR D 740 -5.81 32.09 -11.39
C THR D 740 -6.83 32.73 -10.47
N ASP D 741 -7.79 33.47 -11.03
CA ASP D 741 -8.80 34.11 -10.23
C ASP D 741 -9.84 33.11 -9.72
N PHE D 742 -10.10 32.04 -10.49
CA PHE D 742 -11.05 31.05 -10.00
C PHE D 742 -10.43 30.08 -9.00
N VAL D 743 -9.13 29.81 -9.10
CA VAL D 743 -8.47 28.96 -8.12
C VAL D 743 -8.50 29.63 -6.75
N ASN D 744 -8.35 30.94 -6.70
CA ASN D 744 -8.48 31.69 -5.46
C ASN D 744 -9.90 31.65 -4.92
N GLU D 745 -10.89 31.70 -5.80
CA GLU D 745 -12.28 31.68 -5.36
C GLU D 745 -12.68 30.32 -4.83
N PHE D 746 -12.28 29.25 -5.50
CA PHE D 746 -12.57 27.90 -5.02
C PHE D 746 -11.80 27.58 -3.76
N TYR D 747 -10.58 28.09 -3.63
CA TYR D 747 -9.82 27.90 -2.40
C TYR D 747 -10.46 28.66 -1.24
N ALA D 748 -10.97 29.85 -1.49
CA ALA D 748 -11.65 30.59 -0.43
C ALA D 748 -12.97 29.93 -0.04
N TYR D 749 -13.67 29.34 -1.02
CA TYR D 749 -14.88 28.57 -0.74
C TYR D 749 -14.58 27.35 0.13
N LEU D 750 -13.49 26.64 -0.18
CA LEU D 750 -13.09 25.50 0.62
C LEU D 750 -12.62 25.90 2.01
N ARG D 751 -11.95 27.04 2.12
CA ARG D 751 -11.55 27.53 3.44
C ARG D 751 -12.76 27.94 4.27
N LYS D 752 -13.81 28.43 3.62
CA LYS D 752 -15.00 28.84 4.34
C LYS D 752 -15.83 27.66 4.80
N HIS D 753 -16.01 26.65 3.95
CA HIS D 753 -16.96 25.59 4.30
C HIS D 753 -16.33 24.23 4.56
N PHE D 754 -15.03 24.06 4.37
CA PHE D 754 -14.38 22.76 4.52
C PHE D 754 -13.03 22.92 5.21
N SER D 755 -13.02 23.56 6.38
CA SER D 755 -11.78 23.81 7.11
C SER D 755 -11.12 22.50 7.56
N MET D 756 -9.84 22.33 7.21
CA MET D 756 -9.13 21.06 7.38
C MET D 756 -7.95 21.18 8.33
N MET D 757 -7.59 20.05 8.92
CA MET D 757 -6.38 19.91 9.74
C MET D 757 -5.69 18.64 9.32
N ILE D 758 -4.50 18.77 8.73
CA ILE D 758 -3.81 17.66 8.10
C ILE D 758 -2.52 17.39 8.85
N LEU D 759 -2.29 16.14 9.22
CA LEU D 759 -0.99 15.73 9.71
C LEU D 759 -0.71 14.36 9.12
N SER D 760 -0.18 14.33 7.89
CA SER D 760 0.40 13.15 7.25
C SER D 760 -0.56 11.97 7.21
N ASP D 761 -1.59 12.12 6.39
CA ASP D 761 -2.69 11.20 6.09
C ASP D 761 -3.70 11.02 7.24
N ASP D 762 -3.53 11.73 8.34
CA ASP D 762 -4.57 11.87 9.35
C ASP D 762 -5.23 13.23 9.19
N ALA D 763 -6.56 13.28 9.32
CA ALA D 763 -7.27 14.52 9.06
C ALA D 763 -8.54 14.61 9.89
N VAL D 764 -8.82 15.79 10.40
CA VAL D 764 -10.19 16.14 10.77
C VAL D 764 -10.58 17.33 9.92
N VAL D 765 -11.86 17.42 9.59
CA VAL D 765 -12.40 18.61 8.96
C VAL D 765 -13.54 19.14 9.80
N CYS D 766 -13.81 20.43 9.63
CA CYS D 766 -14.99 21.08 10.16
C CYS D 766 -15.77 21.60 8.98
N PHE D 767 -16.88 20.97 8.67
CA PHE D 767 -17.59 21.25 7.43
C PHE D 767 -18.98 21.79 7.71
N ASN D 768 -19.45 22.65 6.80
CA ASN D 768 -20.83 23.13 6.80
C ASN D 768 -21.75 21.95 6.50
N SER D 769 -22.56 21.57 7.49
CA SER D 769 -23.32 20.33 7.38
C SER D 769 -24.52 20.43 6.46
N THR D 770 -25.16 21.61 6.36
CA THR D 770 -26.25 21.75 5.42
C THR D 770 -25.76 21.73 3.98
N TYR D 771 -24.55 22.26 3.75
CA TYR D 771 -23.95 22.15 2.43
C TYR D 771 -23.60 20.71 2.10
N ALA D 772 -23.23 19.91 3.10
CA ALA D 772 -22.92 18.51 2.85
C ALA D 772 -24.17 17.68 2.65
N SER D 773 -25.28 18.06 3.29
CA SER D 773 -26.54 17.36 3.02
C SER D 773 -27.09 17.74 1.65
N GLN D 774 -26.86 18.97 1.21
CA GLN D 774 -27.25 19.36 -0.13
C GLN D 774 -26.25 18.93 -1.20
N GLY D 775 -25.10 18.40 -0.81
CA GLY D 775 -24.13 17.95 -1.77
C GLY D 775 -23.22 19.02 -2.33
N LEU D 776 -22.96 20.07 -1.56
CA LEU D 776 -22.10 21.15 -2.01
C LEU D 776 -20.67 21.03 -1.50
N VAL D 777 -20.45 20.35 -0.39
CA VAL D 777 -19.11 19.94 0.01
C VAL D 777 -19.11 18.43 0.19
N ALA D 778 -17.92 17.88 0.36
CA ALA D 778 -17.75 16.44 0.41
C ALA D 778 -18.20 15.85 1.73
N SER D 779 -18.72 14.64 1.66
CA SER D 779 -19.02 13.82 2.83
C SER D 779 -18.22 12.53 2.71
N ILE D 780 -18.52 11.58 3.61
CA ILE D 780 -17.81 10.31 3.66
C ILE D 780 -18.01 9.51 2.37
N LYS D 781 -19.19 9.62 1.77
CA LYS D 781 -19.52 8.95 0.51
C LYS D 781 -18.61 9.37 -0.63
N ASN D 782 -18.28 10.66 -0.71
CA ASN D 782 -17.40 11.16 -1.76
C ASN D 782 -15.96 10.72 -1.54
N PHE D 783 -15.51 10.62 -0.30
CA PHE D 783 -14.18 10.12 -0.01
C PHE D 783 -14.08 8.64 -0.34
N LYS D 784 -15.14 7.87 -0.10
CA LYS D 784 -15.15 6.46 -0.47
C LYS D 784 -15.09 6.29 -1.98
N SER D 785 -15.84 7.11 -2.73
CA SER D 785 -15.82 7.01 -4.18
C SER D 785 -14.47 7.41 -4.76
N VAL D 786 -13.88 8.47 -4.23
CA VAL D 786 -12.59 8.95 -4.72
C VAL D 786 -11.50 7.94 -4.43
N LEU D 787 -11.49 7.35 -3.24
CA LEU D 787 -10.50 6.34 -2.92
C LEU D 787 -10.68 5.08 -3.75
N TYR D 788 -11.93 4.76 -4.13
CA TYR D 788 -12.16 3.60 -4.98
C TYR D 788 -11.61 3.81 -6.39
N TYR D 789 -11.93 4.92 -7.04
CA TYR D 789 -11.47 5.05 -8.42
C TYR D 789 -10.08 5.63 -8.55
N GLN D 790 -9.49 6.17 -7.49
CA GLN D 790 -8.22 6.86 -7.59
C GLN D 790 -7.15 6.27 -6.68
N ASN D 791 -7.49 5.27 -5.89
CA ASN D 791 -6.54 4.69 -4.95
C ASN D 791 -6.54 3.19 -4.97
N ASN D 792 -7.54 2.55 -5.60
CA ASN D 792 -7.73 1.10 -5.64
C ASN D 792 -7.84 0.50 -4.24
N VAL D 793 -8.54 1.19 -3.35
CA VAL D 793 -8.88 0.65 -2.04
C VAL D 793 -10.35 0.92 -1.78
N PHE D 794 -10.92 0.16 -0.88
CA PHE D 794 -12.27 0.41 -0.41
C PHE D 794 -12.19 0.92 1.00
N MET D 795 -12.62 2.16 1.20
CA MET D 795 -12.68 2.73 2.54
C MET D 795 -14.00 2.34 3.17
N SER D 796 -13.93 1.58 4.26
CA SER D 796 -15.12 1.26 5.01
C SER D 796 -15.50 2.45 5.88
N GLU D 797 -16.80 2.63 6.08
CA GLU D 797 -17.30 3.70 6.91
C GLU D 797 -17.14 3.43 8.41
N ALA D 798 -16.71 2.23 8.79
CA ALA D 798 -16.53 1.90 10.19
C ALA D 798 -15.29 2.53 10.79
N LYS D 799 -14.32 2.90 9.97
CA LYS D 799 -13.13 3.59 10.44
C LYS D 799 -13.23 5.10 10.28
N CYS D 800 -14.29 5.59 9.65
CA CYS D 800 -14.58 7.00 9.57
C CYS D 800 -15.60 7.37 10.64
N TRP D 801 -15.56 8.62 11.08
CA TRP D 801 -16.42 9.05 12.17
C TRP D 801 -16.99 10.42 11.85
N THR D 802 -18.07 10.78 12.54
CA THR D 802 -18.68 12.08 12.43
C THR D 802 -19.04 12.55 13.83
N GLU D 803 -18.75 13.80 14.13
CA GLU D 803 -19.02 14.37 15.44
C GLU D 803 -19.90 15.60 15.26
N THR D 804 -21.15 15.51 15.68
CA THR D 804 -22.10 16.61 15.48
C THR D 804 -22.02 17.66 16.57
N ASP D 805 -21.52 17.32 17.74
CA ASP D 805 -21.36 18.26 18.84
C ASP D 805 -19.91 18.67 18.93
N LEU D 806 -19.64 19.97 18.77
CA LEU D 806 -18.27 20.45 18.74
C LEU D 806 -17.71 20.78 20.12
N THR D 807 -18.52 20.73 21.17
CA THR D 807 -17.95 20.80 22.52
C THR D 807 -17.19 19.53 22.86
N LYS D 808 -17.69 18.38 22.43
CA LYS D 808 -16.83 17.23 22.27
C LYS D 808 -15.91 17.49 21.09
N GLY D 809 -14.64 17.11 21.22
CA GLY D 809 -13.66 17.36 20.14
C GLY D 809 -13.74 16.28 19.07
N PRO D 810 -12.80 16.21 18.11
CA PRO D 810 -12.80 15.16 17.10
C PRO D 810 -12.63 13.79 17.79
N HIS D 811 -13.28 12.75 17.27
CA HIS D 811 -13.24 11.43 17.94
C HIS D 811 -11.78 10.95 18.07
N GLU D 812 -10.99 11.04 16.99
CA GLU D 812 -9.58 10.61 17.11
C GLU D 812 -8.71 11.38 16.11
N PHE D 813 -7.65 12.03 16.59
CA PHE D 813 -6.66 12.69 15.71
C PHE D 813 -5.27 12.29 16.21
N CYS D 814 -4.47 11.66 15.35
CA CYS D 814 -3.09 11.20 15.71
C CYS D 814 -3.15 10.30 16.95
N SER D 815 -4.13 9.38 17.03
CA SER D 815 -4.33 8.45 18.17
C SER D 815 -4.54 9.20 19.48
N GLN D 816 -5.21 10.36 19.46
CA GLN D 816 -5.44 11.14 20.70
C GLN D 816 -6.92 11.49 20.84
N HIS D 817 -7.52 11.20 22.00
CA HIS D 817 -8.92 11.58 22.29
C HIS D 817 -8.97 13.03 22.76
N THR D 818 -10.14 13.67 22.74
CA THR D 818 -10.24 15.10 23.15
C THR D 818 -11.31 15.29 24.24
N MET D 819 -10.98 16.09 25.25
CA MET D 819 -11.90 16.42 26.33
C MET D 819 -11.91 17.93 26.54
N LEU D 820 -13.07 18.46 26.86
CA LEU D 820 -13.23 19.88 27.18
C LEU D 820 -13.31 20.01 28.69
N VAL D 821 -12.26 20.55 29.30
CA VAL D 821 -12.13 20.61 30.75
C VAL D 821 -11.95 22.06 31.17
N LYS D 822 -12.15 22.31 32.45
CA LYS D 822 -11.93 23.64 33.01
C LYS D 822 -10.48 23.75 33.48
N GLN D 823 -9.80 24.79 33.04
CA GLN D 823 -8.40 25.01 33.37
C GLN D 823 -8.20 26.50 33.61
N GLY D 824 -8.24 26.90 34.87
CA GLY D 824 -8.27 28.31 35.19
C GLY D 824 -9.69 28.82 35.27
N ASP D 825 -10.09 29.67 34.33
CA ASP D 825 -11.45 30.19 34.30
C ASP D 825 -12.13 29.96 32.96
N ASP D 826 -11.50 29.22 32.05
CA ASP D 826 -12.05 28.99 30.72
C ASP D 826 -11.86 27.53 30.34
N TYR D 827 -12.64 27.09 29.37
CA TYR D 827 -12.68 25.69 29.00
C TYR D 827 -11.73 25.39 27.85
N VAL D 828 -10.82 24.45 28.07
CA VAL D 828 -9.68 24.19 27.21
C VAL D 828 -9.79 22.75 26.70
N TYR D 829 -9.47 22.54 25.42
CA TYR D 829 -9.43 21.19 24.86
C TYR D 829 -8.10 20.53 25.21
N LEU D 830 -8.17 19.37 25.84
CA LEU D 830 -6.99 18.61 26.20
C LEU D 830 -6.94 17.30 25.42
N PRO D 831 -5.76 16.83 25.07
CA PRO D 831 -5.67 15.51 24.44
C PRO D 831 -5.39 14.38 25.41
N TYR D 832 -5.99 13.22 25.23
CA TYR D 832 -5.64 12.09 26.07
C TYR D 832 -5.57 10.83 25.22
N PRO D 833 -4.70 9.89 25.55
CA PRO D 833 -4.62 8.64 24.80
C PRO D 833 -5.54 7.57 25.39
N ASP D 834 -5.61 6.46 24.67
CA ASP D 834 -6.19 5.23 25.19
C ASP D 834 -5.45 4.80 26.45
N PRO D 835 -6.13 4.62 27.58
CA PRO D 835 -5.42 4.24 28.80
C PRO D 835 -4.81 2.85 28.74
N SER D 836 -5.40 1.96 27.95
CA SER D 836 -4.82 0.65 27.71
C SER D 836 -3.48 0.75 27.00
N ARG D 837 -3.35 1.74 26.11
CA ARG D 837 -2.07 1.99 25.40
C ARG D 837 -0.99 2.43 26.41
N ILE D 838 -1.35 3.29 27.36
CA ILE D 838 -0.40 3.76 28.37
C ILE D 838 0.04 2.62 29.28
N LEU D 839 -0.92 1.81 29.75
CA LEU D 839 -0.54 0.69 30.61
C LEU D 839 0.23 -0.39 29.87
N GLY D 840 -0.06 -0.61 28.59
CA GLY D 840 0.70 -1.57 27.82
C GLY D 840 2.10 -1.10 27.51
N ALA D 841 2.29 0.21 27.31
CA ALA D 841 3.65 0.71 27.15
C ALA D 841 4.41 0.67 28.45
N GLY D 842 3.72 0.76 29.59
CA GLY D 842 4.41 0.64 30.86
C GLY D 842 4.78 -0.78 31.20
N CYS D 843 3.92 -1.74 30.85
CA CYS D 843 4.12 -3.11 31.27
C CYS D 843 5.08 -3.88 30.39
N PHE D 844 5.17 -3.52 29.11
CA PHE D 844 6.05 -4.20 28.16
C PHE D 844 7.04 -3.21 27.61
N VAL D 845 8.31 -3.59 27.63
CA VAL D 845 9.44 -2.66 27.60
C VAL D 845 10.49 -3.23 26.67
N ASP D 846 11.14 -2.36 25.90
CA ASP D 846 12.17 -2.80 24.96
C ASP D 846 13.44 -3.23 25.71
N ASP D 847 14.40 -3.78 24.97
CA ASP D 847 15.60 -4.35 25.58
C ASP D 847 16.53 -3.29 26.14
N ILE D 848 16.60 -2.12 25.52
CA ILE D 848 17.51 -1.08 25.99
C ILE D 848 17.00 -0.47 27.29
N VAL D 849 15.68 -0.33 27.43
CA VAL D 849 15.09 0.26 28.62
C VAL D 849 15.20 -0.67 29.83
N LYS D 850 15.38 -1.97 29.62
CA LYS D 850 15.61 -2.87 30.74
C LYS D 850 17.03 -2.78 31.30
N THR D 851 17.99 -2.30 30.50
CA THR D 851 19.37 -2.26 30.96
C THR D 851 19.59 -1.14 31.97
N ASP D 852 19.36 0.10 31.55
CA ASP D 852 19.62 1.27 32.38
C ASP D 852 18.35 1.71 33.10
N GLY D 853 18.50 2.05 34.38
CA GLY D 853 17.36 2.49 35.17
C GLY D 853 16.96 3.92 34.95
N THR D 854 17.88 4.75 34.43
CA THR D 854 17.52 6.14 34.12
C THR D 854 16.61 6.20 32.90
N LEU D 855 16.88 5.37 31.88
CA LEU D 855 16.00 5.27 30.72
C LEU D 855 14.60 4.82 31.09
N MET D 856 14.46 3.98 32.12
CA MET D 856 13.13 3.64 32.58
C MET D 856 12.43 4.83 33.25
N ILE D 857 13.18 5.69 33.95
CA ILE D 857 12.57 6.86 34.56
C ILE D 857 12.15 7.87 33.50
N GLU D 858 12.95 8.04 32.45
CA GLU D 858 12.52 8.91 31.36
C GLU D 858 11.34 8.34 30.59
N ARG D 859 11.29 7.02 30.44
CA ARG D 859 10.13 6.40 29.80
C ARG D 859 8.86 6.57 30.63
N PHE D 860 8.96 6.41 31.95
CA PHE D 860 7.78 6.57 32.77
C PHE D 860 7.38 8.02 32.95
N VAL D 861 8.32 8.95 32.85
CA VAL D 861 7.98 10.37 32.86
C VAL D 861 7.26 10.75 31.57
N SER D 862 7.70 10.19 30.45
CA SER D 862 6.99 10.43 29.18
C SER D 862 5.58 9.84 29.22
N LEU D 863 5.43 8.67 29.82
CA LEU D 863 4.11 8.06 29.91
C LEU D 863 3.21 8.80 30.90
N ALA D 864 3.76 9.37 31.97
CA ALA D 864 2.94 10.16 32.87
C ALA D 864 2.59 11.52 32.27
N ILE D 865 3.45 12.06 31.40
CA ILE D 865 3.12 13.26 30.64
C ILE D 865 1.94 12.98 29.71
N ASP D 866 1.97 11.83 29.03
CA ASP D 866 0.87 11.44 28.18
C ASP D 866 -0.41 11.16 28.95
N ALA D 867 -0.30 10.60 30.15
CA ALA D 867 -1.46 10.20 30.92
C ALA D 867 -1.95 11.23 31.91
N TYR D 868 -1.32 12.41 32.00
CA TYR D 868 -1.83 13.47 32.86
C TYR D 868 -3.25 13.93 32.54
N PRO D 869 -3.66 14.19 31.28
CA PRO D 869 -5.04 14.64 31.08
C PRO D 869 -6.12 13.61 31.35
N LEU D 870 -5.77 12.38 31.69
CA LEU D 870 -6.77 11.42 32.12
C LEU D 870 -7.34 11.76 33.49
N THR D 871 -6.66 12.58 34.29
CA THR D 871 -7.15 12.94 35.61
C THR D 871 -8.40 13.80 35.55
N LYS D 872 -8.61 14.51 34.44
CA LYS D 872 -9.79 15.33 34.27
C LYS D 872 -10.95 14.57 33.66
N HIS D 873 -10.80 13.27 33.42
CA HIS D 873 -11.86 12.47 32.83
C HIS D 873 -12.97 12.22 33.84
N PRO D 874 -14.22 12.07 33.37
CA PRO D 874 -15.30 11.68 34.30
C PRO D 874 -15.14 10.27 34.85
N ASN D 875 -14.51 9.37 34.10
CA ASN D 875 -14.19 8.05 34.61
C ASN D 875 -13.09 8.13 35.65
N GLN D 876 -13.34 7.57 36.84
CA GLN D 876 -12.32 7.55 37.87
C GLN D 876 -11.25 6.50 37.57
N GLU D 877 -11.63 5.42 36.90
CA GLU D 877 -10.69 4.39 36.51
C GLU D 877 -9.68 4.91 35.50
N TYR D 878 -10.09 5.83 34.63
CA TYR D 878 -9.14 6.46 33.73
C TYR D 878 -8.23 7.42 34.48
N ALA D 879 -8.77 8.11 35.49
CA ALA D 879 -8.00 9.08 36.24
C ALA D 879 -6.95 8.43 37.13
N ASP D 880 -7.15 7.18 37.55
CA ASP D 880 -6.18 6.52 38.40
C ASP D 880 -4.90 6.11 37.68
N VAL D 881 -4.87 6.16 36.35
CA VAL D 881 -3.68 5.76 35.61
C VAL D 881 -2.53 6.75 35.84
N PHE D 882 -2.85 8.04 35.87
CA PHE D 882 -1.81 9.03 36.13
C PHE D 882 -1.29 8.92 37.55
N HIS D 883 -2.17 8.61 38.51
CA HIS D 883 -1.72 8.46 39.89
C HIS D 883 -0.90 7.21 40.08
N LEU D 884 -1.21 6.13 39.35
CA LEU D 884 -0.37 4.94 39.37
C LEU D 884 1.00 5.22 38.79
N TYR D 885 1.07 5.94 37.68
CA TYR D 885 2.36 6.26 37.08
C TYR D 885 3.17 7.23 37.94
N LEU D 886 2.50 8.15 38.61
CA LEU D 886 3.20 9.09 39.49
C LEU D 886 3.72 8.40 40.73
N GLN D 887 2.95 7.45 41.29
CA GLN D 887 3.44 6.71 42.44
C GLN D 887 4.59 5.78 42.08
N TYR D 888 4.54 5.19 40.88
CA TYR D 888 5.67 4.37 40.45
C TYR D 888 6.90 5.22 40.15
N ILE D 889 6.71 6.44 39.66
CA ILE D 889 7.83 7.35 39.44
C ILE D 889 8.44 7.76 40.77
N ARG D 890 7.60 7.99 41.79
CA ARG D 890 8.10 8.31 43.12
C ARG D 890 8.88 7.14 43.73
N LYS D 891 8.41 5.91 43.50
CA LYS D 891 9.14 4.74 43.97
C LYS D 891 10.47 4.58 43.26
N LEU D 892 10.48 4.76 41.94
CA LEU D 892 11.71 4.69 41.17
C LEU D 892 12.69 5.78 41.55
N HIS D 893 12.18 6.94 41.96
CA HIS D 893 13.05 8.03 42.42
C HIS D 893 13.61 7.76 43.79
N ASP D 894 12.82 7.15 44.68
CA ASP D 894 13.29 6.85 46.02
C ASP D 894 14.23 5.65 46.06
N GLU D 895 14.19 4.77 45.07
CA GLU D 895 15.22 3.76 44.93
C GLU D 895 16.39 4.24 44.10
N LEU D 896 16.55 5.55 43.94
CA LEU D 896 17.67 6.10 43.19
C LEU D 896 18.35 7.21 43.98
N ASN D 912 9.90 24.33 43.48
CA ASN D 912 9.82 24.55 42.04
C ASN D 912 8.82 23.60 41.38
N THR D 913 8.51 23.87 40.12
CA THR D 913 7.79 22.93 39.27
C THR D 913 8.69 22.28 38.23
N SER D 914 9.97 22.17 38.52
CA SER D 914 10.92 21.48 37.66
C SER D 914 11.22 20.07 38.14
N ARG D 915 10.44 19.58 39.09
CA ARG D 915 10.68 18.28 39.71
C ARG D 915 9.63 17.30 39.23
N TYR D 916 10.07 16.23 38.58
CA TYR D 916 9.13 15.34 37.90
C TYR D 916 8.42 14.37 38.81
N TRP D 917 8.66 14.41 40.12
CA TRP D 917 7.95 13.55 41.05
C TRP D 917 6.76 14.25 41.70
N GLU D 918 6.35 15.41 41.18
CA GLU D 918 5.20 16.15 41.67
C GLU D 918 4.22 16.39 40.52
N PRO D 919 2.91 16.48 40.80
CA PRO D 919 1.93 16.67 39.73
C PRO D 919 1.96 18.06 39.08
N GLU D 920 2.69 19.02 39.66
CA GLU D 920 2.78 20.35 39.07
C GLU D 920 3.61 20.35 37.81
N PHE D 921 4.61 19.46 37.74
CA PHE D 921 5.41 19.28 36.54
C PHE D 921 4.57 18.86 35.35
N TYR D 922 3.59 18.01 35.59
CA TYR D 922 2.72 17.53 34.52
C TYR D 922 1.54 18.46 34.29
N GLU D 923 1.17 19.27 35.27
CA GLU D 923 0.15 20.28 35.02
C GLU D 923 0.71 21.41 34.17
N ALA D 924 2.00 21.72 34.30
CA ALA D 924 2.56 22.83 33.54
C ALA D 924 2.73 22.53 32.06
N MET D 925 2.63 21.26 31.64
CA MET D 925 2.81 20.93 30.23
C MET D 925 1.58 21.21 29.40
N TYR D 926 0.44 21.51 30.01
CA TYR D 926 -0.81 21.71 29.28
C TYR D 926 -1.38 23.10 29.50
N THR D 927 -0.61 23.99 30.11
CA THR D 927 -1.00 25.38 30.33
C THR D 927 -0.36 26.27 29.29
N PRO D 928 -1.11 27.27 28.78
CA PRO D 928 -0.63 28.03 27.61
C PRO D 928 0.63 28.85 27.81
N HIS D 929 0.98 29.21 29.04
CA HIS D 929 2.22 29.95 29.26
C HIS D 929 3.38 28.99 29.13
N THR D 930 4.05 29.02 27.97
CA THR D 930 5.06 28.03 27.61
C THR D 930 6.31 28.10 28.48
ZN ZN E . 5.17 16.92 -21.73
ZN ZN F . 16.46 24.67 -6.06
O35 H3U G . 17.35 12.94 10.55
S31 H3U G . 15.81 12.51 10.18
O36 H3U G . 15.30 11.28 11.16
O34 H3U G . 15.70 12.04 8.58
C22 H3U G . 14.69 13.94 10.46
C18 H3U G . 13.90 13.99 11.61
C11 H3U G . 13.06 15.11 11.83
S17 H3U G . 12.02 15.18 13.32
O23 H3U G . 12.68 16.24 14.38
O24 H3U G . 11.96 13.65 14.02
O25 H3U G . 10.50 15.62 12.91
C16 H3U G . 14.64 14.99 9.51
C10 H3U G . 13.76 16.09 9.74
C15 H3U G . 13.70 17.15 8.77
S21 H3U G . 14.75 17.06 7.27
O28 H3U G . 16.32 16.90 7.72
O29 H3U G . 14.30 15.75 6.33
O30 H3U G . 14.58 18.45 6.40
C12 H3U G . 12.86 18.26 8.93
C7 H3U G . 12.07 18.35 10.08
C6 H3U G . 12.98 16.16 10.86
C3 H3U G . 12.13 17.32 11.05
N1 H3U G . 11.20 17.45 12.22
C2 H3U G . 10.61 18.73 12.66
O4 H3U G . 10.89 19.76 12.14
C5 H3U G . 9.57 18.61 13.85
C8 H3U G . 8.67 17.54 13.66
C9 H3U G . 9.48 19.42 14.99
C14 H3U G . 8.48 19.15 15.94
C20 H3U G . 7.56 18.07 15.74
C27 H3U G . 6.47 17.80 16.78
C13 H3U G . 7.67 17.27 14.59
N19 H3U G . 6.80 16.13 14.30
C26 H3U G . 5.32 16.14 14.37
O32 H3U G . 4.73 17.10 14.71
C33 H3U G . 4.58 14.83 14.00
C37 H3U G . 3.60 14.31 14.83
C38 H3U G . 4.93 14.18 12.83
C40 H3U G . 4.28 12.99 12.47
C42 H3U G . 3.30 12.48 13.30
C39 H3U G . 2.95 13.12 14.48
N41 H3U G . 1.90 12.57 15.34
O35 H3U H . -2.07 -2.17 11.94
S31 H3U H . -0.48 -1.77 11.70
O36 H3U H . 0.48 -3.09 11.99
O34 H3U H . -0.26 -1.26 10.15
C22 H3U H . 0.00 -0.44 12.87
C18 H3U H . -0.40 -0.55 14.21
C11 H3U H . -0.05 0.44 15.14
S17 H3U H . -0.59 0.24 16.87
O23 H3U H . 0.74 0.14 17.86
O24 H3U H . -1.53 1.50 17.36
O25 H3U H . -1.45 -1.16 16.99
C16 H3U H . 0.74 0.67 12.44
C10 H3U H . 1.10 1.70 13.38
C15 H3U H . 1.86 2.84 12.94
S21 H3U H . 2.39 3.01 11.18
O28 H3U H . 2.62 4.62 10.83
O29 H3U H . 3.82 2.21 10.98
O30 H3U H . 1.25 2.37 10.17
C12 H3U H . 2.21 3.83 13.86
C7 H3U H . 1.83 3.73 15.20
C6 H3U H . 0.72 1.58 14.69
C3 H3U H . 1.08 2.63 15.63
N1 H3U H . 0.71 2.53 17.05
C2 H3U H . 1.87 2.60 17.97
O4 H3U H . 2.95 2.71 17.52
C5 H3U H . 1.72 2.50 19.53
C8 H3U H . 2.75 3.03 20.31
C9 H3U H . 0.61 1.88 20.13
C14 H3U H . 0.55 1.82 21.54
C20 H3U H . 1.58 2.36 22.33
C27 H3U H . 1.48 2.29 23.89
C13 H3U H . 2.68 2.97 21.71
N19 H3U H . 3.81 3.57 22.48
C26 H3U H . 3.57 4.74 23.34
O32 H3U H . 2.47 5.19 23.45
C33 H3U H . 4.76 5.38 24.12
C37 H3U H . 4.71 6.75 24.43
C38 H3U H . 5.86 4.63 24.47
C40 H3U H . 6.92 5.23 25.16
C42 H3U H . 6.87 6.58 25.47
C39 H3U H . 5.78 7.35 25.11
N41 H3U H . 5.71 8.78 25.44
#